data_9H3F
#
_entry.id   9H3F
#
_cell.length_a   1.00
_cell.length_b   1.00
_cell.length_c   1.00
_cell.angle_alpha   90.00
_cell.angle_beta   90.00
_cell.angle_gamma   90.00
#
_symmetry.space_group_name_H-M   'P 1'
#
loop_
_entity.id
_entity.type
_entity.pdbx_description
1 polymer "3'-5' exoribonuclease YhaM"
2 non-polymer 'MAGNESIUM ION'
#
_entity_poly.entity_id   1
_entity_poly.type   'polypeptide(L)'
_entity_poly.pdbx_seq_one_letter_code
;MGAKGIMLHEVGEQVDQYLLIKSSTKGIASNGKPFLTLMLQDQSGDIEAKLWDAKQSDEVTYAPQTIVKVVGDVHHYRGR
TQLKLRNIRPVSEQENVNIDDFLETAPIPKNEMMDTITQYIFEMKNPNIQRITRFLVKKHEAEFMDYPAATKNHHEFVSG
LAYHVVSMLNLAKAIADLYPSLDRDLLYAGVILHDLGKVKELSGPVSTSYTVEGNLLGHISIMVTELSKAAEELQIDSEE
VLILQHLILSHHGKAEWGSPKPPMVKEAEILHYIDNLDAKMNMMDRALERVKPGEYTERVFALENRSFYKPTFHKHHHHH
H
;
_entity_poly.pdbx_strand_id   A,B,C,D,E,F
#
# COMPACT_ATOMS: atom_id res chain seq x y z
N GLU A 104 -17.80 -16.00 -32.12
CA GLU A 104 -16.63 -16.82 -31.79
C GLU A 104 -17.00 -17.90 -30.78
N THR A 105 -16.65 -19.14 -31.12
CA THR A 105 -16.91 -20.29 -30.28
C THR A 105 -15.60 -20.90 -29.79
N ALA A 106 -15.71 -21.84 -28.86
CA ALA A 106 -14.55 -22.55 -28.37
C ALA A 106 -13.98 -23.45 -29.46
N PRO A 107 -12.65 -23.66 -29.47
CA PRO A 107 -12.06 -24.53 -30.50
C PRO A 107 -12.55 -25.96 -30.47
N ILE A 108 -12.87 -26.48 -29.30
CA ILE A 108 -13.36 -27.85 -29.14
C ILE A 108 -14.88 -27.79 -29.07
N PRO A 109 -15.61 -28.64 -29.80
CA PRO A 109 -17.07 -28.65 -29.69
C PRO A 109 -17.56 -29.13 -28.33
N LYS A 110 -18.81 -28.78 -28.04
CA LYS A 110 -19.29 -28.76 -26.66
C LYS A 110 -19.56 -30.15 -26.09
N ASN A 111 -20.09 -31.06 -26.91
CA ASN A 111 -20.48 -32.35 -26.35
C ASN A 111 -19.28 -33.25 -26.04
N GLU A 112 -18.17 -33.10 -26.75
CA GLU A 112 -16.93 -33.78 -26.34
C GLU A 112 -16.44 -33.23 -25.01
N MET A 113 -16.59 -31.93 -24.80
CA MET A 113 -16.18 -31.31 -23.55
C MET A 113 -17.01 -31.80 -22.37
N MET A 114 -18.32 -31.92 -22.58
CA MET A 114 -19.19 -32.51 -21.55
C MET A 114 -18.82 -33.96 -21.30
N ASP A 115 -18.46 -34.70 -22.37
CA ASP A 115 -18.05 -36.09 -22.20
C ASP A 115 -16.76 -36.19 -21.38
N THR A 116 -15.79 -35.30 -21.61
CA THR A 116 -14.55 -35.37 -20.84
C THR A 116 -14.78 -34.98 -19.38
N ILE A 117 -15.64 -34.01 -19.12
CA ILE A 117 -15.96 -33.66 -17.73
C ILE A 117 -16.67 -34.81 -17.03
N THR A 118 -17.60 -35.48 -17.74
CA THR A 118 -18.25 -36.65 -17.16
C THR A 118 -17.27 -37.80 -16.92
N GLN A 119 -16.29 -37.97 -17.81
CA GLN A 119 -15.26 -38.98 -17.60
C GLN A 119 -14.43 -38.68 -16.36
N TYR A 120 -14.06 -37.41 -16.16
CA TYR A 120 -13.34 -37.05 -14.95
C TYR A 120 -14.21 -37.19 -13.71
N ILE A 121 -15.53 -37.05 -13.86
CA ILE A 121 -16.44 -37.35 -12.75
C ILE A 121 -16.39 -38.83 -12.40
N PHE A 122 -16.44 -39.68 -13.43
CA PHE A 122 -16.40 -41.13 -13.22
C PHE A 122 -15.06 -41.57 -12.65
N GLU A 123 -13.99 -40.82 -12.90
CA GLU A 123 -12.68 -41.14 -12.36
C GLU A 123 -12.58 -40.94 -10.85
N MET A 124 -13.46 -40.12 -10.26
CA MET A 124 -13.37 -39.81 -8.83
C MET A 124 -13.64 -41.05 -7.98
N LYS A 125 -12.96 -41.11 -6.84
CA LYS A 125 -13.05 -42.25 -5.94
C LYS A 125 -13.87 -41.97 -4.68
N ASN A 126 -13.85 -40.73 -4.19
CA ASN A 126 -14.61 -40.37 -3.00
C ASN A 126 -16.10 -40.30 -3.34
N PRO A 127 -16.95 -41.10 -2.69
CA PRO A 127 -18.38 -41.11 -3.07
C PRO A 127 -19.10 -39.79 -2.81
N ASN A 128 -18.78 -39.13 -1.70
CA ASN A 128 -19.47 -37.89 -1.35
C ASN A 128 -19.12 -36.77 -2.33
N ILE A 129 -17.82 -36.61 -2.61
CA ILE A 129 -17.35 -35.63 -3.58
C ILE A 129 -17.96 -35.89 -4.95
N GLN A 130 -17.91 -37.14 -5.40
CA GLN A 130 -18.40 -37.50 -6.71
C GLN A 130 -19.89 -37.26 -6.84
N ARG A 131 -20.65 -37.61 -5.79
CA ARG A 131 -22.10 -37.42 -5.81
C ARG A 131 -22.46 -35.95 -5.88
N ILE A 132 -21.85 -35.12 -5.02
CA ILE A 132 -22.15 -33.69 -5.01
C ILE A 132 -21.77 -33.04 -6.33
N THR A 133 -20.58 -33.37 -6.84
CA THR A 133 -20.11 -32.72 -8.07
C THR A 133 -20.95 -33.13 -9.26
N ARG A 134 -21.34 -34.42 -9.35
CA ARG A 134 -22.22 -34.83 -10.44
C ARG A 134 -23.58 -34.17 -10.34
N PHE A 135 -24.11 -34.01 -9.12
CA PHE A 135 -25.40 -33.36 -8.97
C PHE A 135 -25.37 -31.92 -9.45
N LEU A 136 -24.33 -31.17 -9.07
CA LEU A 136 -24.29 -29.76 -9.46
C LEU A 136 -23.91 -29.58 -10.93
N VAL A 137 -23.18 -30.53 -11.53
CA VAL A 137 -22.98 -30.47 -12.97
C VAL A 137 -24.28 -30.78 -13.71
N LYS A 138 -25.04 -31.75 -13.21
CA LYS A 138 -26.26 -32.17 -13.90
C LYS A 138 -27.35 -31.10 -13.83
N LYS A 139 -27.52 -30.47 -12.68
CA LYS A 139 -28.65 -29.56 -12.55
C LYS A 139 -28.39 -28.23 -13.24
N HIS A 140 -27.13 -27.77 -13.26
CA HIS A 140 -26.76 -26.52 -13.92
C HIS A 140 -26.15 -26.77 -15.30
N GLU A 141 -26.61 -27.81 -16.00
CA GLU A 141 -25.88 -28.34 -17.16
C GLU A 141 -25.87 -27.36 -18.33
N ALA A 142 -27.05 -26.85 -18.72
CA ALA A 142 -27.14 -26.04 -19.93
C ALA A 142 -26.40 -24.72 -19.79
N GLU A 143 -26.55 -24.06 -18.64
CA GLU A 143 -25.86 -22.79 -18.44
C GLU A 143 -24.37 -23.00 -18.21
N PHE A 144 -23.97 -24.16 -17.68
CA PHE A 144 -22.55 -24.51 -17.62
C PHE A 144 -21.98 -24.68 -19.02
N MET A 145 -22.75 -25.26 -19.93
CA MET A 145 -22.32 -25.55 -21.27
C MET A 145 -22.44 -24.35 -22.22
N ASP A 146 -23.17 -23.30 -21.83
CA ASP A 146 -23.39 -22.15 -22.70
C ASP A 146 -22.72 -20.86 -22.23
N TYR A 147 -22.78 -20.54 -20.94
CA TYR A 147 -22.43 -19.21 -20.45
C TYR A 147 -20.92 -18.98 -20.49
N PRO A 148 -20.49 -17.72 -20.60
CA PRO A 148 -19.06 -17.40 -20.51
C PRO A 148 -18.58 -17.40 -19.07
N ALA A 149 -17.28 -17.16 -18.91
CA ALA A 149 -16.63 -17.21 -17.61
C ALA A 149 -16.17 -15.84 -17.11
N ALA A 150 -16.52 -14.77 -17.82
CA ALA A 150 -16.28 -13.40 -17.38
C ALA A 150 -17.07 -12.47 -18.29
N THR A 151 -16.92 -11.17 -18.06
CA THR A 151 -17.47 -10.16 -18.96
C THR A 151 -16.42 -9.64 -19.94
N LYS A 152 -15.21 -9.35 -19.45
CA LYS A 152 -14.15 -8.80 -20.28
C LYS A 152 -12.83 -9.47 -19.96
N ASN A 153 -11.93 -9.39 -20.94
CA ASN A 153 -10.49 -9.65 -20.83
C ASN A 153 -10.09 -11.12 -20.69
N HIS A 154 -11.06 -12.01 -20.48
CA HIS A 154 -10.79 -13.46 -20.50
C HIS A 154 -12.08 -14.25 -20.60
N HIS A 155 -12.09 -15.28 -21.47
CA HIS A 155 -13.19 -16.24 -21.59
C HIS A 155 -14.52 -15.56 -21.87
N GLU A 156 -14.50 -14.53 -22.72
CA GLU A 156 -15.69 -13.75 -23.01
C GLU A 156 -16.51 -14.32 -24.16
N PHE A 157 -16.11 -15.46 -24.70
CA PHE A 157 -16.81 -16.09 -25.81
C PHE A 157 -17.80 -17.12 -25.29
N VAL A 158 -18.68 -17.57 -26.18
CA VAL A 158 -19.69 -18.56 -25.81
C VAL A 158 -19.01 -19.90 -25.55
N SER A 159 -19.57 -20.64 -24.59
CA SER A 159 -19.02 -21.91 -24.08
C SER A 159 -17.58 -21.77 -23.60
N GLY A 160 -17.20 -20.56 -23.18
CA GLY A 160 -15.85 -20.32 -22.72
C GLY A 160 -15.58 -20.81 -21.31
N LEU A 161 -16.62 -20.83 -20.47
CA LEU A 161 -16.46 -21.37 -19.12
C LEU A 161 -16.14 -22.86 -19.17
N ALA A 162 -16.76 -23.57 -20.13
CA ALA A 162 -16.44 -24.98 -20.31
C ALA A 162 -14.99 -25.18 -20.72
N TYR A 163 -14.46 -24.33 -21.60
CA TYR A 163 -13.07 -24.44 -22.00
C TYR A 163 -12.13 -24.15 -20.84
N HIS A 164 -12.47 -23.14 -20.04
CA HIS A 164 -11.72 -22.83 -18.83
C HIS A 164 -11.67 -24.05 -17.90
N VAL A 165 -12.84 -24.68 -17.67
CA VAL A 165 -12.92 -25.82 -16.78
C VAL A 165 -12.12 -27.00 -17.33
N VAL A 166 -12.26 -27.32 -18.61
CA VAL A 166 -11.59 -28.49 -19.18
C VAL A 166 -10.08 -28.31 -19.19
N SER A 167 -9.59 -27.13 -19.57
CA SER A 167 -8.15 -26.89 -19.57
C SER A 167 -7.59 -26.92 -18.15
N MET A 168 -8.33 -26.39 -17.17
CA MET A 168 -7.86 -26.47 -15.80
C MET A 168 -7.88 -27.89 -15.25
N LEU A 169 -8.85 -28.73 -15.65
CA LEU A 169 -8.78 -30.15 -15.28
C LEU A 169 -7.56 -30.83 -15.88
N ASN A 170 -7.22 -30.53 -17.13
CA ASN A 170 -6.04 -31.14 -17.72
C ASN A 170 -4.77 -30.74 -16.98
N LEU A 171 -4.65 -29.45 -16.63
CA LEU A 171 -3.45 -29.00 -15.94
C LEU A 171 -3.43 -29.48 -14.49
N ALA A 172 -4.60 -29.64 -13.87
CA ALA A 172 -4.67 -30.22 -12.53
C ALA A 172 -4.31 -31.70 -12.57
N LYS A 173 -4.67 -32.40 -13.65
CA LYS A 173 -4.22 -33.78 -13.81
C LYS A 173 -2.71 -33.85 -13.92
N ALA A 174 -2.11 -32.91 -14.63
CA ALA A 174 -0.64 -32.86 -14.71
C ALA A 174 -0.01 -32.64 -13.34
N ILE A 175 -0.49 -31.65 -12.59
CA ILE A 175 0.09 -31.36 -11.27
C ILE A 175 -0.15 -32.53 -10.30
N ALA A 176 -1.31 -33.18 -10.40
CA ALA A 176 -1.58 -34.32 -9.54
C ALA A 176 -0.72 -35.53 -9.89
N ASP A 177 -0.41 -35.71 -11.18
CA ASP A 177 0.46 -36.82 -11.56
C ASP A 177 1.88 -36.59 -11.08
N LEU A 178 2.41 -35.37 -11.23
CA LEU A 178 3.77 -35.11 -10.78
C LEU A 178 3.89 -35.08 -9.25
N TYR A 179 2.88 -34.60 -8.55
CA TYR A 179 2.94 -34.37 -7.10
C TYR A 179 1.92 -35.28 -6.43
N PRO A 180 2.33 -36.47 -5.97
CA PRO A 180 1.34 -37.44 -5.46
C PRO A 180 0.67 -37.05 -4.15
N SER A 181 1.22 -36.07 -3.43
CA SER A 181 0.67 -35.72 -2.12
C SER A 181 -0.70 -35.05 -2.21
N LEU A 182 -1.04 -34.49 -3.36
CA LEU A 182 -2.33 -33.83 -3.53
C LEU A 182 -3.45 -34.87 -3.60
N ASP A 183 -4.65 -34.45 -3.23
CA ASP A 183 -5.85 -35.28 -3.38
C ASP A 183 -6.50 -34.95 -4.72
N ARG A 184 -6.61 -35.95 -5.58
CA ARG A 184 -7.06 -35.73 -6.94
C ARG A 184 -8.54 -35.41 -7.01
N ASP A 185 -9.36 -36.09 -6.19
CA ASP A 185 -10.81 -35.93 -6.28
C ASP A 185 -11.25 -34.57 -5.78
N LEU A 186 -10.70 -34.16 -4.63
CA LEU A 186 -11.01 -32.86 -4.06
C LEU A 186 -10.61 -31.74 -5.00
N LEU A 187 -9.44 -31.88 -5.61
CA LEU A 187 -8.95 -30.90 -6.58
C LEU A 187 -9.85 -30.82 -7.80
N TYR A 188 -10.25 -31.98 -8.34
CA TYR A 188 -11.09 -31.97 -9.53
C TYR A 188 -12.44 -31.33 -9.25
N ALA A 189 -13.04 -31.64 -8.10
CA ALA A 189 -14.31 -31.03 -7.74
C ALA A 189 -14.18 -29.53 -7.55
N GLY A 190 -13.10 -29.09 -6.89
CA GLY A 190 -12.86 -27.67 -6.74
C GLY A 190 -12.66 -26.95 -8.06
N VAL A 191 -12.01 -27.61 -9.03
CA VAL A 191 -11.80 -26.99 -10.32
C VAL A 191 -13.12 -26.91 -11.10
N ILE A 192 -13.95 -27.94 -11.02
CA ILE A 192 -15.23 -27.90 -11.74
C ILE A 192 -16.17 -26.85 -11.14
N LEU A 193 -16.23 -26.76 -9.82
CA LEU A 193 -17.27 -25.99 -9.14
C LEU A 193 -16.90 -24.56 -8.77
N HIS A 194 -15.71 -24.09 -9.14
CA HIS A 194 -15.33 -22.77 -8.64
C HIS A 194 -15.88 -21.63 -9.48
N ASP A 195 -16.05 -21.82 -10.78
CA ASP A 195 -16.75 -20.85 -11.62
C ASP A 195 -18.13 -21.32 -12.05
N LEU A 196 -18.74 -22.24 -11.30
CA LEU A 196 -20.10 -22.64 -11.65
C LEU A 196 -21.09 -21.54 -11.31
N GLY A 197 -20.83 -20.77 -10.25
CA GLY A 197 -21.75 -19.75 -9.79
C GLY A 197 -22.03 -18.67 -10.81
N LYS A 198 -21.13 -18.45 -11.77
CA LYS A 198 -21.37 -17.47 -12.81
C LYS A 198 -22.43 -17.92 -13.81
N VAL A 199 -23.05 -19.09 -13.64
CA VAL A 199 -24.26 -19.37 -14.41
C VAL A 199 -25.41 -18.51 -13.92
N LYS A 200 -25.33 -18.00 -12.69
CA LYS A 200 -26.34 -17.08 -12.18
C LYS A 200 -25.83 -15.67 -11.96
N GLU A 201 -24.51 -15.46 -11.95
CA GLU A 201 -23.97 -14.11 -11.92
C GLU A 201 -24.16 -13.41 -13.26
N LEU A 202 -23.88 -14.10 -14.36
CA LEU A 202 -23.97 -13.49 -15.68
C LEU A 202 -25.38 -13.63 -16.24
N SER A 203 -25.66 -12.82 -17.27
CA SER A 203 -27.00 -12.80 -17.85
C SER A 203 -27.20 -13.90 -18.88
N GLY A 204 -26.19 -14.16 -19.71
CA GLY A 204 -26.29 -15.19 -20.72
C GLY A 204 -25.16 -15.12 -21.72
N PRO A 205 -25.14 -16.07 -22.66
CA PRO A 205 -24.12 -16.03 -23.72
C PRO A 205 -24.23 -14.82 -24.63
N VAL A 206 -25.43 -14.27 -24.79
CA VAL A 206 -25.69 -13.12 -25.65
C VAL A 206 -25.90 -11.91 -24.75
N SER A 207 -25.23 -10.79 -25.08
CA SER A 207 -25.25 -9.53 -24.35
C SER A 207 -24.98 -9.75 -22.85
N THR A 208 -23.74 -10.17 -22.59
CA THR A 208 -23.31 -10.48 -21.23
C THR A 208 -23.39 -9.24 -20.35
N SER A 209 -23.98 -9.41 -19.16
CA SER A 209 -24.13 -8.32 -18.22
C SER A 209 -24.28 -8.89 -16.82
N TYR A 210 -23.84 -8.12 -15.83
CA TYR A 210 -23.95 -8.53 -14.45
C TYR A 210 -25.37 -8.35 -13.96
N THR A 211 -25.97 -9.42 -13.44
CA THR A 211 -27.30 -9.30 -12.85
C THR A 211 -27.17 -8.71 -11.44
N VAL A 212 -28.30 -8.43 -10.80
CA VAL A 212 -28.26 -7.82 -9.48
C VAL A 212 -27.69 -8.79 -8.45
N GLU A 213 -27.99 -10.07 -8.59
CA GLU A 213 -27.49 -11.07 -7.63
C GLU A 213 -25.98 -11.23 -7.74
N GLY A 214 -25.47 -11.37 -8.97
CA GLY A 214 -24.04 -11.54 -9.14
C GLY A 214 -23.25 -10.29 -8.80
N ASN A 215 -23.77 -9.12 -9.16
CA ASN A 215 -23.04 -7.88 -8.89
C ASN A 215 -23.04 -7.57 -7.40
N LEU A 216 -24.19 -7.77 -6.74
CA LEU A 216 -24.26 -7.43 -5.33
C LEU A 216 -23.52 -8.47 -4.48
N LEU A 217 -23.68 -9.76 -4.80
CA LEU A 217 -23.19 -10.85 -3.96
C LEU A 217 -21.83 -11.37 -4.43
N GLY A 218 -21.76 -11.83 -5.67
CA GLY A 218 -20.56 -12.42 -6.21
C GLY A 218 -20.72 -13.93 -6.44
N HIS A 219 -19.88 -14.45 -7.34
CA HIS A 219 -19.96 -15.86 -7.69
C HIS A 219 -19.40 -16.78 -6.62
N ILE A 220 -18.73 -16.24 -5.59
CA ILE A 220 -18.23 -17.07 -4.51
C ILE A 220 -19.36 -17.40 -3.53
N SER A 221 -20.03 -16.36 -3.03
CA SER A 221 -20.99 -16.53 -1.95
C SER A 221 -22.27 -17.22 -2.42
N ILE A 222 -22.67 -17.03 -3.68
CA ILE A 222 -23.83 -17.74 -4.21
C ILE A 222 -23.51 -19.22 -4.38
N MET A 223 -22.27 -19.53 -4.77
CA MET A 223 -21.86 -20.91 -5.00
C MET A 223 -21.66 -21.68 -3.71
N VAL A 224 -21.17 -21.03 -2.65
CA VAL A 224 -21.08 -21.66 -1.34
C VAL A 224 -22.48 -22.03 -0.84
N THR A 225 -23.44 -21.12 -1.01
CA THR A 225 -24.82 -21.39 -0.64
C THR A 225 -25.40 -22.54 -1.45
N GLU A 226 -25.10 -22.58 -2.75
CA GLU A 226 -25.55 -23.67 -3.60
C GLU A 226 -25.00 -25.01 -3.12
N LEU A 227 -23.71 -25.03 -2.75
CA LEU A 227 -23.09 -26.25 -2.26
C LEU A 227 -23.73 -26.73 -0.97
N SER A 228 -24.00 -25.81 -0.04
CA SER A 228 -24.59 -26.22 1.23
C SER A 228 -26.03 -26.68 1.06
N LYS A 229 -26.78 -26.03 0.16
CA LYS A 229 -28.14 -26.47 -0.13
C LYS A 229 -28.15 -27.87 -0.73
N ALA A 230 -27.23 -28.14 -1.66
CA ALA A 230 -27.14 -29.47 -2.24
C ALA A 230 -26.69 -30.51 -1.21
N ALA A 231 -25.82 -30.11 -0.29
CA ALA A 231 -25.41 -31.01 0.79
C ALA A 231 -26.59 -31.37 1.68
N GLU A 232 -27.44 -30.38 1.98
CA GLU A 232 -28.64 -30.66 2.77
C GLU A 232 -29.61 -31.56 2.02
N GLU A 233 -29.76 -31.34 0.70
CA GLU A 233 -30.75 -32.11 -0.04
C GLU A 233 -30.29 -33.55 -0.28
N LEU A 234 -29.01 -33.76 -0.54
CA LEU A 234 -28.47 -35.08 -0.81
C LEU A 234 -28.18 -35.88 0.46
N GLN A 235 -28.54 -35.35 1.64
CA GLN A 235 -28.34 -35.99 2.93
C GLN A 235 -26.86 -36.30 3.18
N ILE A 236 -26.01 -35.31 2.95
CA ILE A 236 -24.57 -35.42 3.13
C ILE A 236 -24.15 -34.38 4.16
N ASP A 237 -23.51 -34.84 5.24
CA ASP A 237 -23.09 -33.96 6.34
C ASP A 237 -21.66 -34.29 6.75
N SER A 238 -20.77 -34.38 5.76
CA SER A 238 -19.38 -34.73 5.98
C SER A 238 -18.50 -33.50 5.81
N GLU A 239 -17.24 -33.63 6.24
CA GLU A 239 -16.28 -32.52 6.14
C GLU A 239 -15.88 -32.25 4.69
N GLU A 240 -16.19 -33.17 3.77
CA GLU A 240 -15.99 -32.95 2.35
C GLU A 240 -16.69 -31.69 1.88
N VAL A 241 -17.92 -31.46 2.36
CA VAL A 241 -18.69 -30.28 1.98
C VAL A 241 -17.99 -29.01 2.44
N LEU A 242 -17.47 -29.01 3.66
CA LEU A 242 -16.83 -27.81 4.20
C LEU A 242 -15.51 -27.53 3.48
N ILE A 243 -14.76 -28.58 3.13
CA ILE A 243 -13.50 -28.35 2.42
C ILE A 243 -13.76 -27.85 0.99
N LEU A 244 -14.79 -28.39 0.32
CA LEU A 244 -15.17 -27.84 -0.98
C LEU A 244 -15.66 -26.40 -0.86
N GLN A 245 -16.37 -26.09 0.23
CA GLN A 245 -16.82 -24.74 0.48
C GLN A 245 -15.64 -23.80 0.62
N HIS A 246 -14.56 -24.27 1.26
CA HIS A 246 -13.35 -23.46 1.33
C HIS A 246 -12.65 -23.33 -0.02
N LEU A 247 -12.66 -24.40 -0.82
CA LEU A 247 -12.04 -24.33 -2.15
C LEU A 247 -12.72 -23.28 -3.01
N ILE A 248 -14.05 -23.28 -3.00
CA ILE A 248 -14.79 -22.25 -3.73
C ILE A 248 -14.65 -20.89 -3.07
N LEU A 249 -14.48 -20.85 -1.75
CA LEU A 249 -14.45 -19.58 -1.04
C LEU A 249 -13.20 -18.77 -1.36
N SER A 250 -12.05 -19.45 -1.46
CA SER A 250 -10.77 -18.77 -1.55
C SER A 250 -10.03 -19.07 -2.84
N HIS A 251 -10.73 -19.21 -3.97
CA HIS A 251 -10.04 -19.55 -5.19
C HIS A 251 -9.39 -18.35 -5.86
N HIS A 252 -9.75 -17.13 -5.46
CA HIS A 252 -9.10 -15.95 -6.03
C HIS A 252 -7.82 -15.58 -5.29
N GLY A 253 -7.55 -16.20 -4.15
CA GLY A 253 -6.23 -16.15 -3.54
C GLY A 253 -6.00 -15.08 -2.50
N LYS A 254 -6.46 -13.86 -2.76
CA LYS A 254 -6.21 -12.75 -1.86
C LYS A 254 -7.48 -11.95 -1.67
N ALA A 255 -7.49 -11.16 -0.58
CA ALA A 255 -8.69 -10.40 -0.24
C ALA A 255 -8.99 -9.32 -1.27
N GLU A 256 -7.95 -8.67 -1.81
CA GLU A 256 -8.14 -7.57 -2.74
C GLU A 256 -8.77 -8.00 -4.05
N TRP A 257 -8.64 -9.27 -4.43
CA TRP A 257 -9.22 -9.77 -5.66
C TRP A 257 -10.59 -10.41 -5.47
N GLY A 258 -11.08 -10.51 -4.24
CA GLY A 258 -12.41 -11.01 -3.97
C GLY A 258 -12.51 -12.18 -3.01
N SER A 259 -11.41 -12.67 -2.45
CA SER A 259 -11.51 -13.81 -1.54
C SER A 259 -11.86 -13.33 -0.14
N PRO A 260 -12.94 -13.84 0.46
CA PRO A 260 -13.23 -13.50 1.86
C PRO A 260 -12.14 -13.94 2.83
N LYS A 261 -11.53 -15.08 2.58
CA LYS A 261 -10.50 -15.65 3.45
C LYS A 261 -9.32 -16.09 2.61
N PRO A 262 -8.11 -16.03 3.17
CA PRO A 262 -6.96 -16.58 2.47
C PRO A 262 -7.04 -18.10 2.42
N PRO A 263 -6.46 -18.72 1.38
CA PRO A 263 -6.48 -20.18 1.30
C PRO A 263 -5.72 -20.83 2.44
N MET A 264 -6.27 -21.94 2.94
CA MET A 264 -5.70 -22.65 4.08
C MET A 264 -5.54 -24.14 3.84
N VAL A 265 -5.99 -24.67 2.71
CA VAL A 265 -5.85 -26.07 2.36
C VAL A 265 -5.03 -26.12 1.07
N LYS A 266 -4.32 -27.24 0.87
CA LYS A 266 -3.41 -27.39 -0.27
C LYS A 266 -4.11 -27.18 -1.60
N GLU A 267 -5.27 -27.82 -1.77
CA GLU A 267 -5.99 -27.75 -3.02
C GLU A 267 -6.53 -26.37 -3.29
N ALA A 268 -6.71 -25.54 -2.24
CA ALA A 268 -7.12 -24.17 -2.45
C ALA A 268 -6.03 -23.36 -3.15
N GLU A 269 -4.78 -23.51 -2.70
CA GLU A 269 -3.67 -22.86 -3.37
C GLU A 269 -3.47 -23.41 -4.77
N ILE A 270 -3.68 -24.72 -4.96
CA ILE A 270 -3.58 -25.31 -6.30
C ILE A 270 -4.63 -24.69 -7.22
N LEU A 271 -5.89 -24.61 -6.76
CA LEU A 271 -6.96 -24.03 -7.56
C LEU A 271 -6.68 -22.58 -7.88
N HIS A 272 -6.13 -21.83 -6.92
CA HIS A 272 -5.79 -20.44 -7.14
C HIS A 272 -4.73 -20.30 -8.24
N TYR A 273 -3.69 -21.14 -8.19
CA TYR A 273 -2.61 -21.00 -9.16
C TYR A 273 -3.01 -21.49 -10.55
N ILE A 274 -3.79 -22.57 -10.64
CA ILE A 274 -4.28 -23.00 -11.95
C ILE A 274 -5.24 -21.98 -12.54
N ASP A 275 -6.08 -21.35 -11.69
CA ASP A 275 -6.97 -20.32 -12.21
C ASP A 275 -6.19 -19.14 -12.76
N ASN A 276 -5.17 -18.68 -12.03
CA ASN A 276 -4.31 -17.61 -12.51
C ASN A 276 -3.65 -17.97 -13.82
N LEU A 277 -3.03 -19.16 -13.88
CA LEU A 277 -2.24 -19.52 -15.05
C LEU A 277 -3.14 -19.70 -16.27
N ASP A 278 -4.31 -20.30 -16.09
CA ASP A 278 -5.19 -20.56 -17.23
C ASP A 278 -5.78 -19.26 -17.77
N ALA A 279 -6.33 -18.41 -16.89
CA ALA A 279 -6.92 -17.16 -17.36
C ALA A 279 -5.87 -16.25 -17.97
N LYS A 280 -4.69 -16.18 -17.34
CA LYS A 280 -3.60 -15.36 -17.84
C LYS A 280 -3.10 -15.87 -19.18
N MET A 281 -3.00 -17.18 -19.35
CA MET A 281 -2.53 -17.72 -20.62
C MET A 281 -3.53 -17.49 -21.73
N ASN A 282 -4.82 -17.58 -21.44
CA ASN A 282 -5.80 -17.32 -22.49
C ASN A 282 -5.80 -15.85 -22.90
N MET A 283 -5.79 -14.93 -21.93
CA MET A 283 -5.73 -13.51 -22.30
C MET A 283 -4.42 -13.14 -22.99
N MET A 284 -3.34 -13.82 -22.63
CA MET A 284 -2.01 -13.46 -23.10
C MET A 284 -1.64 -14.19 -24.39
N ASP A 285 -2.36 -15.27 -24.72
CA ASP A 285 -2.32 -15.80 -26.08
C ASP A 285 -3.20 -14.98 -27.01
N ARG A 286 -4.33 -14.48 -26.50
CA ARG A 286 -5.18 -13.64 -27.33
C ARG A 286 -4.51 -12.29 -27.62
N ALA A 287 -3.67 -11.81 -26.72
CA ALA A 287 -2.98 -10.53 -26.95
C ALA A 287 -1.95 -10.63 -28.07
N LEU A 288 -1.18 -11.72 -28.11
CA LEU A 288 -0.09 -11.88 -29.07
C LEU A 288 -0.49 -12.57 -30.36
N GLU A 289 -1.78 -12.65 -30.67
CA GLU A 289 -2.19 -13.29 -31.92
C GLU A 289 -1.86 -12.41 -33.12
N ARG A 290 -2.17 -11.12 -33.04
CA ARG A 290 -2.09 -10.22 -34.18
C ARG A 290 -0.82 -9.38 -34.18
N VAL A 291 0.25 -9.84 -33.53
CA VAL A 291 1.48 -9.09 -33.39
C VAL A 291 2.56 -9.76 -34.21
N LYS A 292 3.16 -8.99 -35.12
CA LYS A 292 4.26 -9.48 -35.93
C LYS A 292 5.49 -9.74 -35.05
N PRO A 293 6.37 -10.66 -35.44
CA PRO A 293 7.60 -10.88 -34.67
C PRO A 293 8.47 -9.63 -34.67
N GLY A 294 9.08 -9.36 -33.52
CA GLY A 294 9.82 -8.14 -33.32
C GLY A 294 8.98 -6.93 -32.97
N GLU A 295 7.69 -7.13 -32.67
CA GLU A 295 6.80 -6.04 -32.35
C GLU A 295 6.18 -6.28 -30.98
N TYR A 296 5.74 -5.21 -30.33
CA TYR A 296 5.11 -5.28 -29.04
C TYR A 296 3.60 -5.52 -29.22
N THR A 297 2.94 -5.80 -28.10
CA THR A 297 1.50 -6.03 -28.08
C THR A 297 0.79 -4.85 -27.44
N GLU A 298 -0.53 -4.84 -27.58
CA GLU A 298 -1.33 -3.79 -27.00
C GLU A 298 -1.30 -3.88 -25.47
N ARG A 299 -1.39 -2.72 -24.83
CA ARG A 299 -1.29 -2.64 -23.38
C ARG A 299 -2.56 -3.17 -22.75
N VAL A 300 -2.51 -4.42 -22.28
CA VAL A 300 -3.69 -5.11 -21.75
C VAL A 300 -3.87 -4.75 -20.28
N PHE A 301 -5.12 -4.64 -19.86
CA PHE A 301 -5.43 -4.12 -18.53
C PHE A 301 -5.36 -5.20 -17.45
N ALA A 302 -5.76 -6.43 -17.77
CA ALA A 302 -5.85 -7.46 -16.74
C ALA A 302 -4.50 -8.02 -16.33
N LEU A 303 -3.43 -7.68 -17.03
CA LEU A 303 -2.07 -8.13 -16.73
C LEU A 303 -1.25 -7.04 -16.05
N GLU A 304 -1.89 -6.27 -15.16
CA GLU A 304 -1.27 -5.15 -14.44
C GLU A 304 -0.71 -4.10 -15.39
N ASN A 305 -1.47 -3.82 -16.46
CA ASN A 305 -1.26 -2.67 -17.34
C ASN A 305 0.11 -2.75 -18.02
N ARG A 306 0.46 -3.94 -18.47
CA ARG A 306 1.77 -4.23 -19.04
C ARG A 306 1.69 -4.42 -20.55
N SER A 307 2.87 -4.44 -21.17
CA SER A 307 3.02 -4.71 -22.58
C SER A 307 3.92 -5.92 -22.77
N PHE A 308 3.72 -6.65 -23.86
CA PHE A 308 4.43 -7.90 -24.10
C PHE A 308 5.21 -7.83 -25.40
N TYR A 309 6.32 -8.56 -25.45
CA TYR A 309 7.18 -8.60 -26.62
C TYR A 309 7.09 -9.98 -27.28
N LYS A 310 6.92 -9.99 -28.60
CA LYS A 310 7.04 -11.23 -29.35
C LYS A 310 8.44 -11.32 -29.93
N PRO A 311 9.23 -12.33 -29.56
CA PRO A 311 10.59 -12.45 -30.11
C PRO A 311 10.56 -12.74 -31.60
N THR A 312 11.65 -12.36 -32.27
CA THR A 312 11.72 -12.47 -33.72
C THR A 312 11.80 -13.91 -34.20
N PHE A 313 12.25 -14.84 -33.37
CA PHE A 313 12.42 -16.22 -33.80
C PHE A 313 11.18 -17.07 -33.53
N HIS A 314 10.07 -16.48 -33.11
CA HIS A 314 8.80 -17.19 -32.97
C HIS A 314 8.05 -17.07 -34.29
N LYS A 315 7.91 -18.19 -34.99
CA LYS A 315 7.25 -18.19 -36.29
C LYS A 315 5.78 -18.59 -36.16
N GLU B 104 20.27 -33.95 6.12
CA GLU B 104 19.17 -34.27 5.22
C GLU B 104 19.58 -34.09 3.77
N THR B 105 19.30 -35.10 2.95
CA THR B 105 19.60 -35.08 1.53
C THR B 105 18.31 -35.13 0.73
N ALA B 106 18.44 -34.85 -0.58
CA ALA B 106 17.31 -34.92 -1.47
C ALA B 106 16.86 -36.38 -1.64
N PRO B 107 15.56 -36.61 -1.86
CA PRO B 107 15.08 -38.00 -2.03
C PRO B 107 15.70 -38.73 -3.20
N ILE B 108 16.03 -38.02 -4.29
CA ILE B 108 16.66 -38.61 -5.46
C ILE B 108 18.16 -38.40 -5.36
N PRO B 109 18.98 -39.44 -5.54
CA PRO B 109 20.43 -39.24 -5.55
C PRO B 109 20.89 -38.45 -6.77
N LYS B 110 22.08 -37.87 -6.63
CA LYS B 110 22.45 -36.67 -7.37
C LYS B 110 22.76 -36.94 -8.85
N ASN B 111 23.43 -38.05 -9.15
CA ASN B 111 23.86 -38.26 -10.54
C ASN B 111 22.70 -38.61 -11.46
N GLU B 112 21.58 -39.12 -10.94
CA GLU B 112 20.39 -39.24 -11.77
C GLU B 112 19.82 -37.87 -12.12
N MET B 113 19.89 -36.92 -11.18
CA MET B 113 19.48 -35.55 -11.48
C MET B 113 20.38 -34.92 -12.54
N MET B 114 21.69 -35.15 -12.43
CA MET B 114 22.60 -34.66 -13.46
C MET B 114 22.30 -35.30 -14.81
N ASP B 115 22.00 -36.61 -14.82
CA ASP B 115 21.68 -37.30 -16.06
C ASP B 115 20.39 -36.77 -16.69
N THR B 116 19.36 -36.50 -15.88
CA THR B 116 18.11 -36.03 -16.46
C THR B 116 18.21 -34.58 -16.93
N ILE B 117 19.01 -33.76 -16.25
CA ILE B 117 19.24 -32.41 -16.74
C ILE B 117 20.03 -32.43 -18.05
N THR B 118 21.02 -33.33 -18.15
CA THR B 118 21.74 -33.49 -19.41
C THR B 118 20.83 -34.01 -20.52
N GLN B 119 19.89 -34.89 -20.19
CA GLN B 119 18.92 -35.37 -21.18
C GLN B 119 18.03 -34.24 -21.68
N TYR B 120 17.56 -33.38 -20.77
CA TYR B 120 16.75 -32.25 -21.20
C TYR B 120 17.58 -31.23 -21.97
N ILE B 121 18.89 -31.18 -21.72
CA ILE B 121 19.78 -30.39 -22.57
C ILE B 121 19.80 -30.96 -23.98
N PHE B 122 19.93 -32.28 -24.08
CA PHE B 122 19.98 -32.95 -25.38
C PHE B 122 18.67 -32.82 -26.13
N GLU B 123 17.55 -32.67 -25.42
CA GLU B 123 16.26 -32.52 -26.08
C GLU B 123 16.07 -31.15 -26.73
N MET B 124 16.93 -30.17 -26.46
CA MET B 124 16.77 -28.85 -27.03
C MET B 124 17.06 -28.85 -28.53
N LYS B 125 16.35 -27.98 -29.24
CA LYS B 125 16.51 -27.87 -30.70
C LYS B 125 17.24 -26.61 -31.13
N ASN B 126 17.13 -25.52 -30.38
CA ASN B 126 17.79 -24.28 -30.73
C ASN B 126 19.28 -24.39 -30.42
N PRO B 127 20.17 -24.23 -31.40
CA PRO B 127 21.61 -24.43 -31.14
C PRO B 127 22.21 -23.42 -30.18
N ASN B 128 21.80 -22.15 -30.25
CA ASN B 128 22.39 -21.13 -29.38
C ASN B 128 21.98 -21.34 -27.92
N ILE B 129 20.68 -21.59 -27.70
CA ILE B 129 20.17 -21.89 -26.36
C ILE B 129 20.88 -23.11 -25.78
N GLN B 130 20.97 -24.17 -26.57
CA GLN B 130 21.56 -25.42 -26.12
C GLN B 130 23.04 -25.25 -25.80
N ARG B 131 23.76 -24.51 -26.63
CA ARG B 131 25.19 -24.30 -26.40
C ARG B 131 25.45 -23.47 -25.15
N ILE B 132 24.73 -22.34 -25.00
CA ILE B 132 24.92 -21.48 -23.83
C ILE B 132 24.55 -22.21 -22.55
N THR B 133 23.43 -22.94 -22.57
CA THR B 133 22.98 -23.62 -21.37
C THR B 133 23.91 -24.75 -20.97
N ARG B 134 24.41 -25.53 -21.95
CA ARG B 134 25.36 -26.57 -21.61
C ARG B 134 26.66 -25.99 -21.09
N PHE B 135 27.11 -24.86 -21.65
CA PHE B 135 28.33 -24.22 -21.17
C PHE B 135 28.20 -23.78 -19.72
N LEU B 136 27.08 -23.15 -19.37
CA LEU B 136 26.94 -22.66 -18.01
C LEU B 136 26.64 -23.78 -17.02
N VAL B 137 26.00 -24.87 -17.45
CA VAL B 137 25.86 -26.01 -16.55
C VAL B 137 27.21 -26.70 -16.33
N LYS B 138 28.00 -26.84 -17.40
CA LYS B 138 29.29 -27.54 -17.27
C LYS B 138 30.29 -26.74 -16.46
N LYS B 139 30.27 -25.41 -16.58
CA LYS B 139 31.26 -24.61 -15.88
C LYS B 139 30.94 -24.51 -14.38
N HIS B 140 29.67 -24.49 -14.02
CA HIS B 140 29.23 -24.40 -12.63
C HIS B 140 28.73 -25.75 -12.09
N GLU B 141 29.31 -26.86 -12.54
CA GLU B 141 28.68 -28.17 -12.35
C GLU B 141 28.65 -28.59 -10.88
N ALA B 142 29.79 -28.53 -10.20
CA ALA B 142 29.88 -29.05 -8.84
C ALA B 142 29.03 -28.24 -7.86
N GLU B 143 29.08 -26.92 -7.97
CA GLU B 143 28.30 -26.06 -7.08
C GLU B 143 26.82 -26.14 -7.40
N PHE B 144 26.46 -26.36 -8.66
CA PHE B 144 25.06 -26.58 -9.01
C PHE B 144 24.57 -27.90 -8.43
N MET B 145 25.44 -28.90 -8.37
CA MET B 145 25.07 -30.22 -7.86
C MET B 145 25.13 -30.30 -6.33
N ASP B 146 25.77 -29.36 -5.66
CA ASP B 146 25.93 -29.41 -4.21
C ASP B 146 25.14 -28.36 -3.44
N TYR B 147 25.14 -27.10 -3.90
CA TYR B 147 24.65 -25.98 -3.11
C TYR B 147 23.13 -26.00 -2.96
N PRO B 148 22.61 -25.44 -1.88
CA PRO B 148 21.16 -25.28 -1.75
C PRO B 148 20.65 -24.08 -2.54
N ALA B 149 19.33 -23.94 -2.56
CA ALA B 149 18.67 -22.92 -3.38
C ALA B 149 18.20 -21.72 -2.57
N ALA B 150 18.42 -21.70 -1.26
CA ALA B 150 18.07 -20.57 -0.40
C ALA B 150 18.77 -20.76 0.93
N THR B 151 18.50 -19.83 1.85
CA THR B 151 19.02 -19.94 3.21
C THR B 151 17.97 -20.47 4.18
N LYS B 152 16.73 -20.00 4.05
CA LYS B 152 15.66 -20.42 4.95
C LYS B 152 14.38 -20.65 4.16
N ASN B 153 13.50 -21.47 4.74
CA ASN B 153 12.08 -21.62 4.43
C ASN B 153 11.79 -22.37 3.13
N HIS B 154 12.81 -22.67 2.31
CA HIS B 154 12.63 -23.53 1.14
C HIS B 154 13.97 -24.00 0.60
N HIS B 155 14.06 -25.30 0.28
CA HIS B 155 15.22 -25.90 -0.40
C HIS B 155 16.52 -25.67 0.38
N GLU B 156 16.44 -25.74 1.70
CA GLU B 156 17.59 -25.44 2.55
C GLU B 156 18.49 -26.65 2.78
N PHE B 157 18.17 -27.79 2.19
CA PHE B 157 18.97 -29.00 2.32
C PHE B 157 20.03 -29.06 1.23
N VAL B 158 20.99 -29.97 1.41
CA VAL B 158 22.04 -30.14 0.42
C VAL B 158 21.45 -30.74 -0.85
N SER B 159 22.05 -30.36 -1.99
CA SER B 159 21.59 -30.72 -3.34
C SER B 159 20.13 -30.31 -3.57
N GLY B 160 19.70 -29.24 -2.89
CA GLY B 160 18.34 -28.78 -3.07
C GLY B 160 18.13 -28.02 -4.36
N LEU B 161 19.19 -27.38 -4.88
CA LEU B 161 19.11 -26.72 -6.17
C LEU B 161 18.83 -27.72 -7.29
N ALA B 162 19.47 -28.89 -7.24
CA ALA B 162 19.25 -29.89 -8.27
C ALA B 162 17.82 -30.42 -8.24
N TYR B 163 17.27 -30.66 -7.05
CA TYR B 163 15.89 -31.14 -6.94
C TYR B 163 14.90 -30.07 -7.40
N HIS B 164 15.15 -28.80 -7.04
CA HIS B 164 14.32 -27.70 -7.51
C HIS B 164 14.32 -27.62 -9.03
N VAL B 165 15.51 -27.70 -9.64
CA VAL B 165 15.62 -27.62 -11.11
C VAL B 165 14.91 -28.80 -11.78
N VAL B 166 15.11 -30.01 -11.27
CA VAL B 166 14.50 -31.18 -11.90
C VAL B 166 12.97 -31.13 -11.79
N SER B 167 12.45 -30.76 -10.62
CA SER B 167 11.01 -30.69 -10.46
C SER B 167 10.40 -29.61 -11.35
N MET B 168 11.07 -28.45 -11.45
CA MET B 168 10.54 -27.41 -12.32
C MET B 168 10.64 -27.76 -13.80
N LEU B 169 11.68 -28.48 -14.23
CA LEU B 169 11.71 -28.99 -15.61
C LEU B 169 10.57 -29.96 -15.88
N ASN B 170 10.25 -30.84 -14.93
CA ASN B 170 9.13 -31.75 -15.13
C ASN B 170 7.81 -30.98 -15.25
N LEU B 171 7.61 -29.98 -14.40
CA LEU B 171 6.37 -29.22 -14.45
C LEU B 171 6.30 -28.35 -15.71
N ALA B 172 7.45 -27.82 -16.16
CA ALA B 172 7.49 -27.06 -17.39
C ALA B 172 7.24 -27.95 -18.59
N LYS B 173 7.69 -29.21 -18.53
CA LYS B 173 7.36 -30.17 -19.59
C LYS B 173 5.86 -30.42 -19.65
N ALA B 174 5.22 -30.52 -18.48
CA ALA B 174 3.76 -30.69 -18.45
C ALA B 174 3.03 -29.49 -19.07
N ILE B 175 3.42 -28.27 -18.67
CA ILE B 175 2.78 -27.07 -19.21
C ILE B 175 3.06 -26.92 -20.71
N ALA B 176 4.27 -27.25 -21.14
CA ALA B 176 4.60 -27.15 -22.56
C ALA B 176 3.86 -28.19 -23.39
N ASP B 177 3.62 -29.37 -22.83
CA ASP B 177 2.84 -30.37 -23.55
C ASP B 177 1.37 -29.94 -23.67
N LEU B 178 0.81 -29.38 -22.60
CA LEU B 178 -0.59 -28.97 -22.67
C LEU B 178 -0.82 -27.72 -23.51
N TYR B 179 0.13 -26.77 -23.50
CA TYR B 179 -0.02 -25.49 -24.20
C TYR B 179 1.04 -25.41 -25.29
N PRO B 180 0.70 -25.74 -26.54
CA PRO B 180 1.74 -25.81 -27.58
C PRO B 180 2.31 -24.46 -28.01
N SER B 181 1.69 -23.34 -27.62
CA SER B 181 2.17 -22.03 -28.06
C SER B 181 3.49 -21.65 -27.43
N LEU B 182 3.85 -22.25 -26.30
CA LEU B 182 5.09 -21.91 -25.61
C LEU B 182 6.29 -22.48 -26.36
N ASP B 183 7.43 -21.84 -26.15
CA ASP B 183 8.70 -22.33 -26.68
C ASP B 183 9.37 -23.19 -25.62
N ARG B 184 9.62 -24.45 -25.95
CA ARG B 184 10.11 -25.40 -24.96
C ARG B 184 11.57 -25.14 -24.61
N ASP B 185 12.40 -24.79 -25.60
CA ASP B 185 13.83 -24.69 -25.39
C ASP B 185 14.18 -23.48 -24.53
N LEU B 186 13.57 -22.34 -24.85
CA LEU B 186 13.75 -21.12 -24.07
C LEU B 186 13.27 -21.32 -22.64
N LEU B 187 12.13 -22.00 -22.48
CA LEU B 187 11.59 -22.28 -21.15
C LEU B 187 12.54 -23.15 -20.34
N TYR B 188 13.05 -24.23 -20.95
CA TYR B 188 13.96 -25.12 -20.24
C TYR B 188 15.24 -24.42 -19.82
N ALA B 189 15.80 -23.60 -20.71
CA ALA B 189 17.01 -22.86 -20.36
C ALA B 189 16.75 -21.87 -19.24
N GLY B 190 15.61 -21.16 -19.29
CA GLY B 190 15.26 -20.25 -18.23
C GLY B 190 15.05 -20.94 -16.90
N VAL B 191 14.49 -22.15 -16.92
CA VAL B 191 14.27 -22.89 -15.68
C VAL B 191 15.61 -23.38 -15.11
N ILE B 192 16.52 -23.83 -15.97
CA ILE B 192 17.82 -24.30 -15.48
C ILE B 192 18.63 -23.15 -14.89
N LEU B 193 18.62 -21.99 -15.56
CA LEU B 193 19.59 -20.94 -15.23
C LEU B 193 19.09 -19.89 -14.24
N HIS B 194 17.85 -19.96 -13.76
CA HIS B 194 17.33 -18.82 -13.02
C HIS B 194 17.87 -18.77 -11.58
N ASP B 195 18.05 -19.91 -10.93
CA ASP B 195 18.69 -19.96 -9.62
C ASP B 195 20.12 -20.47 -9.69
N LEU B 196 20.79 -20.31 -10.83
CA LEU B 196 22.18 -20.73 -10.92
C LEU B 196 23.09 -19.78 -10.14
N GLY B 197 22.72 -18.50 -10.09
CA GLY B 197 23.55 -17.50 -9.43
C GLY B 197 23.76 -17.74 -7.96
N LYS B 198 22.89 -18.52 -7.32
CA LYS B 198 23.08 -18.89 -5.92
C LYS B 198 24.24 -19.86 -5.71
N VAL B 199 24.95 -20.28 -6.76
CA VAL B 199 26.21 -20.97 -6.51
C VAL B 199 27.29 -19.98 -6.07
N LYS B 200 27.09 -18.69 -6.32
CA LYS B 200 28.00 -17.66 -5.84
C LYS B 200 27.39 -16.73 -4.81
N GLU B 201 26.05 -16.68 -4.71
CA GLU B 201 25.42 -15.92 -3.64
C GLU B 201 25.63 -16.60 -2.30
N LEU B 202 25.47 -17.91 -2.24
CA LEU B 202 25.55 -18.66 -1.00
C LEU B 202 26.97 -19.16 -0.77
N SER B 203 27.29 -19.41 0.51
CA SER B 203 28.65 -19.79 0.88
C SER B 203 28.94 -21.24 0.54
N GLY B 204 27.99 -22.13 0.76
CA GLY B 204 28.19 -23.53 0.50
C GLY B 204 27.09 -24.40 1.10
N PRO B 205 27.17 -25.71 0.88
CA PRO B 205 26.17 -26.62 1.46
C PRO B 205 26.23 -26.69 2.97
N VAL B 206 27.37 -26.37 3.58
CA VAL B 206 27.55 -26.41 5.02
C VAL B 206 27.66 -24.96 5.50
N SER B 207 26.92 -24.65 6.57
CA SER B 207 26.85 -23.32 7.20
C SER B 207 26.51 -22.24 6.17
N THR B 208 25.28 -22.35 5.65
CA THR B 208 24.80 -21.45 4.61
C THR B 208 24.77 -20.01 5.09
N SER B 209 25.34 -19.12 4.30
CA SER B 209 25.39 -17.71 4.64
C SER B 209 25.56 -16.90 3.36
N TYR B 210 25.01 -15.69 3.36
CA TYR B 210 25.14 -14.80 2.23
C TYR B 210 26.54 -14.20 2.19
N THR B 211 27.20 -14.32 1.05
CA THR B 211 28.50 -13.67 0.87
C THR B 211 28.27 -12.19 0.55
N VAL B 212 29.36 -11.42 0.45
CA VAL B 212 29.24 -9.99 0.18
C VAL B 212 28.66 -9.75 -1.20
N GLU B 213 29.07 -10.55 -2.19
CA GLU B 213 28.58 -10.38 -3.56
C GLU B 213 27.10 -10.70 -3.65
N GLY B 214 26.67 -11.82 -3.07
CA GLY B 214 25.28 -12.21 -3.16
C GLY B 214 24.36 -11.30 -2.37
N ASN B 215 24.80 -10.88 -1.17
CA ASN B 215 23.94 -10.04 -0.34
C ASN B 215 23.86 -8.64 -0.92
N LEU B 216 24.97 -8.12 -1.42
CA LEU B 216 24.96 -6.75 -1.93
C LEU B 216 24.27 -6.69 -3.30
N LEU B 217 24.53 -7.66 -4.17
CA LEU B 217 24.03 -7.64 -5.55
C LEU B 217 22.75 -8.43 -5.73
N GLY B 218 22.78 -9.72 -5.44
CA GLY B 218 21.68 -10.61 -5.69
C GLY B 218 21.99 -11.61 -6.81
N HIS B 219 21.31 -12.76 -6.75
CA HIS B 219 21.56 -13.82 -7.71
C HIS B 219 21.01 -13.52 -9.10
N ILE B 220 20.22 -12.46 -9.26
CA ILE B 220 19.71 -12.10 -10.57
C ILE B 220 20.77 -11.39 -11.39
N SER B 221 21.34 -10.32 -10.84
CA SER B 221 22.29 -9.49 -11.57
C SER B 221 23.64 -10.19 -11.75
N ILE B 222 23.97 -11.15 -10.89
CA ILE B 222 25.17 -11.95 -11.12
C ILE B 222 24.97 -12.87 -12.33
N MET B 223 23.80 -13.51 -12.41
CA MET B 223 23.54 -14.44 -13.50
C MET B 223 23.34 -13.75 -14.84
N VAL B 224 22.82 -12.52 -14.85
CA VAL B 224 22.75 -11.75 -16.10
C VAL B 224 24.15 -11.48 -16.63
N THR B 225 25.07 -11.08 -15.74
CA THR B 225 26.45 -10.84 -16.13
C THR B 225 27.12 -12.12 -16.62
N GLU B 226 26.85 -13.25 -15.95
CA GLU B 226 27.42 -14.52 -16.39
C GLU B 226 26.90 -14.92 -17.75
N LEU B 227 25.62 -14.67 -18.01
CA LEU B 227 25.04 -14.93 -19.33
C LEU B 227 25.71 -14.09 -20.41
N SER B 228 25.94 -12.81 -20.12
CA SER B 228 26.60 -11.94 -21.10
C SER B 228 28.04 -12.40 -21.37
N LYS B 229 28.76 -12.78 -20.32
CA LYS B 229 30.13 -13.26 -20.49
C LYS B 229 30.18 -14.57 -21.28
N ALA B 230 29.24 -15.48 -21.01
CA ALA B 230 29.18 -16.73 -21.77
C ALA B 230 28.85 -16.48 -23.23
N ALA B 231 27.96 -15.53 -23.51
CA ALA B 231 27.63 -15.18 -24.88
C ALA B 231 28.83 -14.58 -25.60
N GLU B 232 29.60 -13.73 -24.91
CA GLU B 232 30.78 -13.15 -25.54
C GLU B 232 31.87 -14.20 -25.78
N GLU B 233 32.00 -15.16 -24.85
CA GLU B 233 33.05 -16.15 -24.99
C GLU B 233 32.73 -17.19 -26.06
N LEU B 234 31.47 -17.58 -26.18
CA LEU B 234 31.07 -18.57 -27.18
C LEU B 234 30.78 -17.95 -28.55
N GLN B 235 31.02 -16.65 -28.72
CA GLN B 235 30.85 -15.93 -29.99
C GLN B 235 29.43 -16.02 -30.51
N ILE B 236 28.47 -15.81 -29.60
CA ILE B 236 27.05 -15.82 -29.93
C ILE B 236 26.50 -14.42 -29.62
N ASP B 237 25.92 -13.78 -30.63
CA ASP B 237 25.44 -12.41 -30.49
C ASP B 237 24.05 -12.28 -31.12
N SER B 238 23.15 -13.20 -30.75
CA SER B 238 21.80 -13.19 -31.28
C SER B 238 20.81 -12.90 -30.14
N GLU B 239 19.55 -12.67 -30.50
CA GLU B 239 18.57 -12.16 -29.54
C GLU B 239 18.16 -13.18 -28.49
N GLU B 240 18.47 -14.46 -28.69
CA GLU B 240 18.15 -15.46 -27.67
C GLU B 240 18.91 -15.19 -26.38
N VAL B 241 20.12 -14.63 -26.47
CA VAL B 241 20.86 -14.22 -25.29
C VAL B 241 20.08 -13.17 -24.51
N LEU B 242 19.53 -12.19 -25.21
CA LEU B 242 18.79 -11.11 -24.56
C LEU B 242 17.48 -11.62 -23.96
N ILE B 243 16.82 -12.56 -24.64
CA ILE B 243 15.57 -13.09 -24.11
C ILE B 243 15.84 -13.95 -22.87
N LEU B 244 16.92 -14.74 -22.87
CA LEU B 244 17.31 -15.45 -21.66
C LEU B 244 17.68 -14.49 -20.55
N GLN B 245 18.32 -13.37 -20.90
CA GLN B 245 18.67 -12.36 -19.91
C GLN B 245 17.42 -11.79 -19.27
N HIS B 246 16.36 -11.58 -20.06
CA HIS B 246 15.10 -11.12 -19.49
C HIS B 246 14.44 -12.20 -18.64
N LEU B 247 14.58 -13.47 -19.03
CA LEU B 247 14.05 -14.57 -18.22
C LEU B 247 14.71 -14.61 -16.85
N ILE B 248 16.04 -14.45 -16.83
CA ILE B 248 16.76 -14.38 -15.57
C ILE B 248 16.37 -13.14 -14.77
N LEU B 249 16.13 -12.03 -15.46
CA LEU B 249 15.91 -10.76 -14.77
C LEU B 249 14.61 -10.76 -13.97
N SER B 250 13.53 -11.32 -14.54
CA SER B 250 12.20 -11.11 -14.00
C SER B 250 11.53 -12.40 -13.54
N HIS B 251 12.29 -13.35 -12.99
CA HIS B 251 11.66 -14.59 -12.59
C HIS B 251 11.01 -14.53 -11.22
N HIS B 252 11.26 -13.48 -10.43
CA HIS B 252 10.49 -13.29 -9.20
C HIS B 252 9.17 -12.57 -9.43
N GLY B 253 8.95 -12.02 -10.62
CA GLY B 253 7.61 -11.59 -10.99
C GLY B 253 7.26 -10.15 -10.70
N LYS B 254 7.69 -9.61 -9.57
CA LYS B 254 7.31 -8.27 -9.17
C LYS B 254 8.51 -7.56 -8.55
N ALA B 255 8.41 -6.23 -8.51
CA ALA B 255 9.52 -5.42 -8.02
C ALA B 255 9.78 -5.63 -6.54
N GLU B 256 8.72 -5.79 -5.74
CA GLU B 256 8.85 -5.90 -4.30
C GLU B 256 9.57 -7.18 -3.87
N TRP B 257 9.57 -8.21 -4.70
CA TRP B 257 10.25 -9.46 -4.38
C TRP B 257 11.65 -9.55 -4.96
N GLY B 258 12.08 -8.56 -5.74
CA GLY B 258 13.45 -8.53 -6.25
C GLY B 258 13.58 -8.41 -7.76
N SER B 259 12.50 -8.34 -8.52
CA SER B 259 12.66 -8.25 -9.97
C SER B 259 12.88 -6.80 -10.38
N PRO B 260 13.96 -6.49 -11.11
CA PRO B 260 14.14 -5.12 -11.60
C PRO B 260 13.04 -4.67 -12.56
N LYS B 261 12.51 -5.59 -13.36
CA LYS B 261 11.51 -5.29 -14.37
C LYS B 261 10.38 -6.31 -14.30
N PRO B 262 9.16 -5.92 -14.63
CA PRO B 262 8.08 -6.89 -14.75
C PRO B 262 8.30 -7.80 -15.93
N PRO B 263 7.82 -9.04 -15.87
CA PRO B 263 7.94 -9.95 -17.01
C PRO B 263 7.16 -9.45 -18.23
N MET B 264 7.76 -9.63 -19.40
CA MET B 264 7.18 -9.16 -20.65
C MET B 264 7.13 -10.23 -21.74
N VAL B 265 7.67 -11.41 -21.49
CA VAL B 265 7.65 -12.50 -22.46
C VAL B 265 6.89 -13.66 -21.81
N LYS B 266 6.28 -14.50 -22.65
CA LYS B 266 5.45 -15.60 -22.16
C LYS B 266 6.22 -16.53 -21.22
N GLU B 267 7.42 -16.91 -21.62
CA GLU B 267 8.23 -17.81 -20.81
C GLU B 267 8.63 -17.19 -19.48
N ALA B 268 8.67 -15.86 -19.40
CA ALA B 268 8.98 -15.21 -18.13
C ALA B 268 7.85 -15.41 -17.12
N GLU B 269 6.60 -15.22 -17.54
CA GLU B 269 5.47 -15.45 -16.64
C GLU B 269 5.35 -16.93 -16.27
N ILE B 270 5.60 -17.82 -17.23
CA ILE B 270 5.58 -19.25 -16.92
C ILE B 270 6.67 -19.63 -15.93
N LEU B 271 7.88 -19.10 -16.11
CA LEU B 271 8.97 -19.34 -15.17
C LEU B 271 8.63 -18.82 -13.78
N HIS B 272 8.01 -17.63 -13.72
CA HIS B 272 7.59 -17.05 -12.45
C HIS B 272 6.59 -17.94 -11.73
N TYR B 273 5.60 -18.46 -12.47
CA TYR B 273 4.55 -19.25 -11.83
C TYR B 273 5.05 -20.63 -11.43
N ILE B 274 5.91 -21.25 -12.24
CA ILE B 274 6.47 -22.54 -11.83
C ILE B 274 7.39 -22.39 -10.63
N ASP B 275 8.14 -21.28 -10.57
CA ASP B 275 9.00 -21.04 -9.40
C ASP B 275 8.16 -20.89 -8.14
N ASN B 276 7.07 -20.11 -8.22
CA ASN B 276 6.15 -19.98 -7.10
C ASN B 276 5.59 -21.33 -6.68
N LEU B 277 5.09 -22.09 -7.65
CA LEU B 277 4.39 -23.33 -7.33
C LEU B 277 5.35 -24.35 -6.71
N ASP B 278 6.56 -24.48 -7.24
CA ASP B 278 7.49 -25.47 -6.72
C ASP B 278 8.00 -25.09 -5.33
N ALA B 279 8.45 -23.83 -5.15
CA ALA B 279 8.98 -23.44 -3.85
C ALA B 279 7.90 -23.48 -2.78
N LYS B 280 6.71 -22.99 -3.11
CA LYS B 280 5.59 -23.00 -2.19
C LYS B 280 5.16 -24.43 -1.86
N MET B 281 5.21 -25.34 -2.84
CA MET B 281 4.79 -26.70 -2.58
C MET B 281 5.78 -27.43 -1.70
N ASN B 282 7.07 -27.21 -1.89
CA ASN B 282 8.04 -27.89 -1.03
C ASN B 282 7.97 -27.38 0.40
N MET B 283 7.86 -26.05 0.60
CA MET B 283 7.71 -25.57 1.97
C MET B 283 6.38 -25.99 2.58
N MET B 284 5.34 -26.11 1.75
CA MET B 284 4.00 -26.39 2.23
C MET B 284 3.78 -27.89 2.45
N ASP B 285 4.57 -28.73 1.79
CA ASP B 285 4.64 -30.14 2.15
C ASP B 285 5.45 -30.33 3.42
N ARG B 286 6.53 -29.56 3.58
CA ARG B 286 7.33 -29.67 4.79
C ARG B 286 6.57 -29.19 6.02
N ALA B 287 5.64 -28.24 5.86
CA ALA B 287 4.85 -27.79 7.00
C ALA B 287 3.83 -28.83 7.44
N LEU B 288 3.33 -29.64 6.50
CA LEU B 288 2.24 -30.57 6.76
C LEU B 288 2.69 -31.98 7.13
N GLU B 289 3.99 -32.23 7.26
CA GLU B 289 4.45 -33.58 7.55
C GLU B 289 4.09 -34.03 8.95
N ARG B 290 4.34 -33.17 9.95
CA ARG B 290 4.26 -33.58 11.35
C ARG B 290 2.93 -33.20 12.00
N VAL B 291 1.85 -33.11 11.23
CA VAL B 291 0.56 -32.66 11.73
C VAL B 291 -0.44 -33.80 11.62
N LYS B 292 -1.04 -34.16 12.75
CA LYS B 292 -2.10 -35.15 12.79
C LYS B 292 -3.32 -34.63 12.02
N PRO B 293 -4.04 -35.50 11.30
CA PRO B 293 -5.26 -35.05 10.62
C PRO B 293 -6.29 -34.53 11.61
N GLY B 294 -6.95 -33.44 11.24
CA GLY B 294 -7.79 -32.70 12.14
C GLY B 294 -7.07 -31.65 12.96
N GLU B 295 -5.79 -31.40 12.67
CA GLU B 295 -4.99 -30.41 13.38
C GLU B 295 -4.41 -29.43 12.38
N TYR B 296 -4.03 -28.26 12.88
CA TYR B 296 -3.48 -27.20 12.06
C TYR B 296 -1.95 -27.26 12.05
N THR B 297 -1.35 -26.38 11.27
CA THR B 297 0.10 -26.32 11.15
C THR B 297 0.64 -25.06 11.82
N GLU B 298 1.97 -25.00 11.93
CA GLU B 298 2.62 -23.82 12.46
C GLU B 298 2.56 -22.69 11.43
N ARG B 299 2.62 -21.45 11.94
CA ARG B 299 2.55 -20.28 11.08
C ARG B 299 3.86 -20.13 10.32
N VAL B 300 3.85 -20.50 9.05
CA VAL B 300 5.03 -20.40 8.20
C VAL B 300 5.16 -18.98 7.69
N PHE B 301 6.39 -18.45 7.71
CA PHE B 301 6.60 -17.04 7.41
C PHE B 301 6.53 -16.74 5.91
N ALA B 302 7.03 -17.65 5.07
CA ALA B 302 7.13 -17.37 3.64
C ALA B 302 5.78 -17.42 2.93
N LEU B 303 4.74 -17.94 3.58
CA LEU B 303 3.40 -18.00 3.00
C LEU B 303 2.48 -16.94 3.58
N GLU B 304 3.00 -15.71 3.77
CA GLU B 304 2.25 -14.56 4.29
C GLU B 304 1.65 -14.84 5.67
N ASN B 305 2.38 -15.61 6.49
CA ASN B 305 2.04 -15.89 7.88
C ASN B 305 0.67 -16.55 8.01
N ARG B 306 0.45 -17.60 7.24
CA ARG B 306 -0.81 -18.33 7.27
C ARG B 306 -0.66 -19.66 7.98
N SER B 307 -1.78 -20.16 8.48
CA SER B 307 -1.87 -21.47 9.10
C SER B 307 -2.68 -22.38 8.18
N PHE B 308 -2.24 -23.62 8.08
CA PHE B 308 -2.81 -24.56 7.12
C PHE B 308 -3.49 -25.71 7.86
N TYR B 309 -4.61 -26.17 7.30
CA TYR B 309 -5.40 -27.23 7.91
C TYR B 309 -5.19 -28.53 7.14
N LYS B 310 -4.91 -29.59 7.89
CA LYS B 310 -4.90 -30.93 7.31
C LYS B 310 -6.28 -31.55 7.50
N PRO B 311 -7.00 -31.87 6.43
CA PRO B 311 -8.34 -32.44 6.59
C PRO B 311 -8.30 -33.82 7.22
N THR B 312 -9.41 -34.19 7.86
CA THR B 312 -9.47 -35.43 8.62
C THR B 312 -9.45 -36.67 7.73
N PHE B 313 -9.75 -36.55 6.45
CA PHE B 313 -9.80 -37.70 5.56
C PHE B 313 -8.50 -37.93 4.79
N HIS B 314 -7.45 -37.18 5.11
CA HIS B 314 -6.12 -37.41 4.51
C HIS B 314 -5.36 -38.38 5.40
N LYS B 315 -5.09 -39.58 4.89
CA LYS B 315 -4.38 -40.60 5.65
C LYS B 315 -2.89 -40.61 5.31
N GLU C 104 -29.26 26.63 -5.50
CA GLU C 104 -29.70 25.66 -4.52
C GLU C 104 -29.31 26.10 -3.12
N THR C 105 -30.29 26.16 -2.22
CA THR C 105 -30.07 26.57 -0.83
C THR C 105 -30.34 25.39 0.10
N ALA C 106 -30.00 25.59 1.37
CA ALA C 106 -30.26 24.58 2.39
C ALA C 106 -31.77 24.45 2.62
N PRO C 107 -32.26 23.24 2.91
CA PRO C 107 -33.70 23.06 3.14
C PRO C 107 -34.24 23.83 4.34
N ILE C 108 -33.43 24.02 5.37
CA ILE C 108 -33.82 24.80 6.55
C ILE C 108 -33.26 26.20 6.38
N PRO C 109 -34.06 27.26 6.59
CA PRO C 109 -33.54 28.62 6.45
C PRO C 109 -32.50 28.96 7.51
N LYS C 110 -31.73 30.00 7.20
CA LYS C 110 -30.42 30.20 7.82
C LYS C 110 -30.52 30.67 9.26
N ASN C 111 -31.45 31.57 9.56
CA ASN C 111 -31.51 32.11 10.92
C ASN C 111 -32.04 31.10 11.93
N GLU C 112 -32.82 30.10 11.50
CA GLU C 112 -33.14 29.00 12.39
C GLU C 112 -31.91 28.17 12.72
N MET C 113 -31.03 27.97 11.73
CA MET C 113 -29.76 27.28 11.98
C MET C 113 -28.90 28.06 12.98
N MET C 114 -28.83 29.38 12.81
CA MET C 114 -28.09 30.20 13.76
C MET C 114 -28.68 30.13 15.15
N ASP C 115 -30.02 30.14 15.24
CA ASP C 115 -30.68 30.04 16.54
C ASP C 115 -30.42 28.70 17.21
N THR C 116 -30.44 27.60 16.46
CA THR C 116 -30.18 26.29 17.06
C THR C 116 -28.72 26.17 17.50
N ILE C 117 -27.78 26.70 16.72
CA ILE C 117 -26.39 26.67 17.14
C ILE C 117 -26.17 27.52 18.39
N THR C 118 -26.79 28.70 18.45
CA THR C 118 -26.68 29.53 19.66
C THR C 118 -27.33 28.85 20.87
N GLN C 119 -28.43 28.13 20.66
CA GLN C 119 -29.04 27.37 21.74
C GLN C 119 -28.10 26.29 22.26
N TYR C 120 -27.42 25.58 21.35
CA TYR C 120 -26.46 24.58 21.78
C TYR C 120 -25.25 25.21 22.47
N ILE C 121 -24.90 26.45 22.12
CA ILE C 121 -23.88 27.19 22.88
C ILE C 121 -24.38 27.44 24.30
N PHE C 122 -25.64 27.87 24.43
CA PHE C 122 -26.20 28.17 25.74
C PHE C 122 -26.32 26.92 26.60
N GLU C 123 -26.51 25.75 25.97
CA GLU C 123 -26.59 24.50 26.71
C GLU C 123 -25.25 24.06 27.29
N MET C 124 -24.15 24.68 26.89
CA MET C 124 -22.83 24.24 27.34
C MET C 124 -22.62 24.60 28.81
N LYS C 125 -21.88 23.74 29.51
CA LYS C 125 -21.63 23.90 30.93
C LYS C 125 -20.22 24.37 31.27
N ASN C 126 -19.23 23.99 30.46
CA ASN C 126 -17.86 24.40 30.72
C ASN C 126 -17.67 25.86 30.30
N PRO C 127 -17.26 26.74 31.22
CA PRO C 127 -17.16 28.17 30.87
C PRO C 127 -16.11 28.48 29.82
N ASN C 128 -14.94 27.82 29.87
CA ASN C 128 -13.88 28.10 28.91
C ASN C 128 -14.27 27.66 27.51
N ILE C 129 -14.81 26.45 27.39
CA ILE C 129 -15.29 25.92 26.12
C ILE C 129 -16.36 26.84 25.54
N GLN C 130 -17.34 27.22 26.36
CA GLN C 130 -18.43 28.04 25.89
C GLN C 130 -17.95 29.41 25.45
N ARG C 131 -17.03 30.01 26.21
CA ARG C 131 -16.52 31.34 25.86
C ARG C 131 -15.74 31.32 24.55
N ILE C 132 -14.82 30.36 24.39
CA ILE C 132 -14.01 30.29 23.19
C ILE C 132 -14.86 29.99 21.97
N THR C 133 -15.78 29.03 22.10
CA THR C 133 -16.64 28.66 20.98
C THR C 133 -17.56 29.81 20.59
N ARG C 134 -18.12 30.53 21.56
CA ARG C 134 -18.97 31.67 21.26
C ARG C 134 -18.18 32.78 20.57
N PHE C 135 -16.92 33.00 21.00
CA PHE C 135 -16.09 34.01 20.35
C PHE C 135 -15.85 33.66 18.89
N LEU C 136 -15.46 32.42 18.61
CA LEU C 136 -15.13 32.07 17.22
C LEU C 136 -16.37 31.95 16.34
N VAL C 137 -17.53 31.65 16.92
CA VAL C 137 -18.76 31.72 16.13
C VAL C 137 -19.15 33.18 15.85
N LYS C 138 -19.04 34.04 16.86
CA LYS C 138 -19.48 35.42 16.70
C LYS C 138 -18.58 36.20 15.74
N LYS C 139 -17.27 35.94 15.79
CA LYS C 139 -16.35 36.73 14.96
C LYS C 139 -16.41 36.28 13.50
N HIS C 140 -16.68 35.01 13.25
CA HIS C 140 -16.75 34.46 11.90
C HIS C 140 -18.18 34.20 11.46
N GLU C 141 -19.13 35.01 11.91
CA GLU C 141 -20.56 34.67 11.82
C GLU C 141 -21.04 34.64 10.37
N ALA C 142 -20.78 35.71 9.62
CA ALA C 142 -21.35 35.83 8.28
C ALA C 142 -20.78 34.78 7.33
N GLU C 143 -19.48 34.55 7.38
CA GLU C 143 -18.87 33.57 6.49
C GLU C 143 -19.22 32.14 6.91
N PHE C 144 -19.39 31.90 8.21
CA PHE C 144 -19.88 30.59 8.65
C PHE C 144 -21.30 30.35 8.17
N MET C 145 -22.12 31.40 8.13
CA MET C 145 -23.52 31.32 7.76
C MET C 145 -23.74 31.35 6.24
N ASP C 146 -22.73 31.72 5.46
CA ASP C 146 -22.86 31.78 4.01
C ASP C 146 -22.04 30.75 3.23
N TYR C 147 -20.78 30.51 3.62
CA TYR C 147 -19.84 29.76 2.79
C TYR C 147 -20.19 28.27 2.76
N PRO C 148 -19.85 27.58 1.67
CA PRO C 148 -20.03 26.13 1.61
C PRO C 148 -18.95 25.39 2.40
N ALA C 149 -19.15 24.07 2.54
CA ALA C 149 -18.28 23.24 3.36
C ALA C 149 -17.28 22.44 2.53
N ALA C 150 -17.29 22.58 1.21
CA ALA C 150 -16.32 21.94 0.32
C ALA C 150 -16.44 22.60 -1.05
N THR C 151 -15.69 22.07 -2.01
CA THR C 151 -15.79 22.53 -3.39
C THR C 151 -16.58 21.53 -4.25
N LYS C 152 -16.36 20.24 -4.08
CA LYS C 152 -17.02 19.22 -4.87
C LYS C 152 -17.42 18.04 -4.01
N ASN C 153 -18.39 17.27 -4.53
CA ASN C 153 -18.81 15.94 -4.09
C ASN C 153 -19.59 15.91 -2.78
N HIS C 154 -19.65 17.03 -2.05
CA HIS C 154 -20.47 17.15 -0.85
C HIS C 154 -20.56 18.60 -0.39
N HIS C 155 -21.76 19.03 0.02
CA HIS C 155 -21.99 20.31 0.70
C HIS C 155 -21.48 21.50 -0.11
N GLU C 156 -21.70 21.46 -1.42
CA GLU C 156 -21.20 22.48 -2.33
C GLU C 156 -22.18 23.62 -2.54
N PHE C 157 -23.32 23.61 -1.85
CA PHE C 157 -24.33 24.64 -2.02
C PHE C 157 -24.14 25.74 -0.98
N VAL C 158 -24.86 26.85 -1.18
CA VAL C 158 -24.78 27.96 -0.25
C VAL C 158 -25.41 27.57 1.08
N SER C 159 -24.87 28.14 2.16
CA SER C 159 -25.20 27.81 3.55
C SER C 159 -25.13 26.31 3.81
N GLY C 160 -24.19 25.62 3.14
CA GLY C 160 -24.02 24.21 3.37
C GLY C 160 -23.23 23.90 4.63
N LEU C 161 -22.34 24.81 5.03
CA LEU C 161 -21.59 24.64 6.27
C LEU C 161 -22.53 24.66 7.47
N ALA C 162 -23.52 25.54 7.46
CA ALA C 162 -24.46 25.62 8.58
C ALA C 162 -25.30 24.35 8.70
N TYR C 163 -25.78 23.82 7.57
CA TYR C 163 -26.53 22.57 7.60
C TYR C 163 -25.66 21.41 8.05
N HIS C 164 -24.40 21.39 7.60
CA HIS C 164 -23.43 20.38 8.00
C HIS C 164 -23.26 20.38 9.51
N VAL C 165 -23.04 21.57 10.08
CA VAL C 165 -22.83 21.72 11.52
C VAL C 165 -24.08 21.32 12.31
N VAL C 166 -25.26 21.77 11.87
CA VAL C 166 -26.49 21.47 12.61
C VAL C 166 -26.80 19.98 12.59
N SER C 167 -26.64 19.34 11.43
CA SER C 167 -26.87 17.90 11.35
C SER C 167 -25.89 17.12 12.22
N MET C 168 -24.63 17.56 12.24
CA MET C 168 -23.67 16.89 13.12
C MET C 168 -23.96 17.12 14.60
N LEU C 169 -24.46 18.30 14.98
CA LEU C 169 -24.86 18.50 16.37
C LEU C 169 -26.04 17.61 16.75
N ASN C 170 -26.98 17.41 15.83
CA ASN C 170 -28.09 16.49 16.13
C ASN C 170 -27.57 15.06 16.33
N LEU C 171 -26.68 14.61 15.45
CA LEU C 171 -26.08 13.29 15.59
C LEU C 171 -25.24 13.18 16.86
N ALA C 172 -24.50 14.23 17.21
CA ALA C 172 -23.68 14.21 18.40
C ALA C 172 -24.53 14.19 19.66
N LYS C 173 -25.66 14.90 19.65
CA LYS C 173 -26.60 14.82 20.77
C LYS C 173 -27.13 13.42 20.94
N ALA C 174 -27.47 12.75 19.83
CA ALA C 174 -27.93 11.36 19.92
C ALA C 174 -26.86 10.44 20.49
N ILE C 175 -25.64 10.52 19.95
CA ILE C 175 -24.57 9.61 20.37
C ILE C 175 -24.16 9.88 21.82
N ALA C 176 -24.13 11.15 22.22
CA ALA C 176 -23.81 11.47 23.61
C ALA C 176 -24.93 11.06 24.56
N ASP C 177 -26.19 11.09 24.09
CA ASP C 177 -27.29 10.62 24.92
C ASP C 177 -27.20 9.12 25.16
N LEU C 178 -26.88 8.35 24.12
CA LEU C 178 -26.71 6.90 24.31
C LEU C 178 -25.47 6.53 25.10
N TYR C 179 -24.38 7.28 24.96
CA TYR C 179 -23.09 6.95 25.60
C TYR C 179 -22.75 8.03 26.60
N PRO C 180 -23.03 7.85 27.89
CA PRO C 180 -22.79 8.92 28.87
C PRO C 180 -21.32 9.20 29.14
N SER C 181 -20.40 8.32 28.72
CA SER C 181 -18.98 8.52 29.02
C SER C 181 -18.38 9.69 28.25
N LEU C 182 -18.97 10.07 27.13
CA LEU C 182 -18.46 11.17 26.33
C LEU C 182 -18.70 12.50 27.03
N ASP C 183 -17.83 13.46 26.76
CA ASP C 183 -18.00 14.83 27.24
C ASP C 183 -18.79 15.60 26.19
N ARG C 184 -19.99 16.05 26.55
CA ARG C 184 -20.87 16.72 25.60
C ARG C 184 -20.32 18.07 25.18
N ASP C 185 -19.71 18.80 26.11
CA ASP C 185 -19.25 20.16 25.84
C ASP C 185 -18.12 20.16 24.82
N LEU C 186 -17.10 19.35 25.07
CA LEU C 186 -15.95 19.27 24.18
C LEU C 186 -16.35 18.74 22.81
N LEU C 187 -17.28 17.77 22.79
CA LEU C 187 -17.77 17.23 21.53
C LEU C 187 -18.49 18.30 20.71
N TYR C 188 -19.38 19.07 21.36
CA TYR C 188 -20.12 20.10 20.63
C TYR C 188 -19.18 21.18 20.08
N ALA C 189 -18.19 21.59 20.89
CA ALA C 189 -17.24 22.58 20.40
C ALA C 189 -16.41 22.04 19.24
N GLY C 190 -15.95 20.80 19.35
CA GLY C 190 -15.20 20.19 18.27
C GLY C 190 -16.01 20.04 16.99
N VAL C 191 -17.32 19.81 17.13
CA VAL C 191 -18.16 19.74 15.95
C VAL C 191 -18.32 21.11 15.32
N ILE C 192 -18.54 22.15 16.13
CA ILE C 192 -18.80 23.47 15.57
C ILE C 192 -17.55 24.04 14.89
N LEU C 193 -16.37 23.82 15.48
CA LEU C 193 -15.17 24.51 15.01
C LEU C 193 -14.37 23.76 13.95
N HIS C 194 -14.68 22.51 13.63
CA HIS C 194 -13.73 21.72 12.85
C HIS C 194 -13.71 22.10 11.38
N ASP C 195 -14.85 22.47 10.79
CA ASP C 195 -14.88 22.97 9.43
C ASP C 195 -15.06 24.48 9.38
N LEU C 196 -14.66 25.18 10.45
CA LEU C 196 -14.72 26.63 10.44
C LEU C 196 -13.70 27.22 9.47
N GLY C 197 -12.57 26.55 9.29
CA GLY C 197 -11.47 27.07 8.50
C GLY C 197 -11.81 27.37 7.06
N LYS C 198 -12.83 26.71 6.52
CA LYS C 198 -13.25 26.99 5.16
C LYS C 198 -13.96 28.32 5.00
N VAL C 199 -14.06 29.14 6.06
CA VAL C 199 -14.42 30.53 5.85
C VAL C 199 -13.25 31.31 5.27
N LYS C 200 -12.01 30.83 5.45
CA LYS C 200 -10.85 31.45 4.85
C LYS C 200 -10.13 30.56 3.85
N GLU C 201 -10.42 29.26 3.82
CA GLU C 201 -9.88 28.39 2.79
C GLU C 201 -10.56 28.64 1.45
N LEU C 202 -11.89 28.76 1.46
CA LEU C 202 -12.66 28.93 0.25
C LEU C 202 -12.87 30.42 -0.05
N SER C 203 -13.25 30.71 -1.29
CA SER C 203 -13.33 32.10 -1.73
C SER C 203 -14.66 32.74 -1.37
N GLY C 204 -15.75 31.99 -1.46
CA GLY C 204 -17.06 32.51 -1.15
C GLY C 204 -18.18 31.61 -1.62
N PRO C 205 -19.42 31.98 -1.32
CA PRO C 205 -20.56 31.20 -1.81
C PRO C 205 -20.68 31.17 -3.33
N VAL C 206 -20.19 32.20 -4.01
CA VAL C 206 -20.26 32.31 -5.46
C VAL C 206 -18.87 32.05 -6.01
N SER C 207 -18.78 31.20 -7.04
CA SER C 207 -17.54 30.79 -7.71
C SER C 207 -16.50 30.29 -6.70
N THR C 208 -16.85 29.16 -6.08
CA THR C 208 -16.02 28.56 -5.04
C THR C 208 -14.66 28.15 -5.62
N SER C 209 -13.60 28.54 -4.92
CA SER C 209 -12.25 28.23 -5.35
C SER C 209 -11.33 28.30 -4.14
N TYR C 210 -10.26 27.50 -4.17
CA TYR C 210 -9.28 27.51 -3.11
C TYR C 210 -8.40 28.74 -3.22
N THR C 211 -8.28 29.49 -2.12
CA THR C 211 -7.37 30.62 -2.09
C THR C 211 -5.95 30.11 -1.83
N VAL C 212 -4.98 31.01 -1.83
CA VAL C 212 -3.59 30.60 -1.62
C VAL C 212 -3.38 30.07 -0.21
N GLU C 213 -4.04 30.68 0.78
CA GLU C 213 -3.87 30.26 2.16
C GLU C 213 -4.47 28.88 2.39
N GLY C 214 -5.68 28.65 1.88
CA GLY C 214 -6.30 27.35 2.05
C GLY C 214 -5.60 26.25 1.29
N ASN C 215 -5.13 26.55 0.09
CA ASN C 215 -4.46 25.54 -0.72
C ASN C 215 -3.10 25.19 -0.16
N LEU C 216 -2.37 26.19 0.33
CA LEU C 216 -1.02 25.92 0.83
C LEU C 216 -1.05 25.36 2.26
N LEU C 217 -1.95 25.84 3.11
CA LEU C 217 -1.98 25.43 4.51
C LEU C 217 -3.03 24.35 4.78
N GLY C 218 -4.30 24.65 4.48
CA GLY C 218 -5.38 23.75 4.79
C GLY C 218 -6.26 24.30 5.91
N HIS C 219 -7.46 23.72 6.02
CA HIS C 219 -8.43 24.18 7.01
C HIS C 219 -8.12 23.72 8.43
N ILE C 220 -7.22 22.76 8.60
CA ILE C 220 -6.87 22.27 9.94
C ILE C 220 -5.89 23.21 10.62
N SER C 221 -4.76 23.46 9.94
CA SER C 221 -3.69 24.25 10.53
C SER C 221 -4.06 25.72 10.68
N ILE C 222 -5.04 26.20 9.92
CA ILE C 222 -5.47 27.58 10.09
C ILE C 222 -6.38 27.71 11.31
N MET C 223 -7.21 26.70 11.59
CA MET C 223 -8.03 26.76 12.78
C MET C 223 -7.28 26.44 14.06
N VAL C 224 -6.20 25.66 14.00
CA VAL C 224 -5.37 25.52 15.19
C VAL C 224 -4.80 26.89 15.60
N THR C 225 -4.30 27.63 14.61
CA THR C 225 -3.77 28.97 14.86
C THR C 225 -4.87 29.92 15.34
N GLU C 226 -6.05 29.88 14.72
CA GLU C 226 -7.13 30.76 15.11
C GLU C 226 -7.60 30.47 16.53
N LEU C 227 -7.70 29.19 16.87
CA LEU C 227 -8.11 28.79 18.21
C LEU C 227 -7.09 29.25 19.25
N SER C 228 -5.80 29.09 18.96
CA SER C 228 -4.78 29.53 19.90
C SER C 228 -4.77 31.05 20.06
N LYS C 229 -5.00 31.78 18.96
CA LYS C 229 -5.07 33.24 19.05
C LYS C 229 -6.28 33.68 19.87
N ALA C 230 -7.43 33.01 19.70
CA ALA C 230 -8.60 33.34 20.51
C ALA C 230 -8.35 33.03 21.98
N ALA C 231 -7.66 31.93 22.27
CA ALA C 231 -7.32 31.60 23.65
C ALA C 231 -6.39 32.64 24.26
N GLU C 232 -5.42 33.13 23.49
CA GLU C 232 -4.53 34.17 23.99
C GLU C 232 -5.28 35.48 24.20
N GLU C 233 -6.26 35.78 23.34
CA GLU C 233 -6.99 37.04 23.47
C GLU C 233 -7.94 37.03 24.66
N LEU C 234 -8.60 35.90 24.92
CA LEU C 234 -9.54 35.83 26.05
C LEU C 234 -8.87 35.45 27.36
N GLN C 235 -7.54 35.45 27.42
CA GLN C 235 -6.77 35.18 28.64
C GLN C 235 -7.12 33.80 29.24
N ILE C 236 -7.20 32.81 28.36
CA ILE C 236 -7.52 31.44 28.74
C ILE C 236 -6.31 30.57 28.41
N ASP C 237 -5.76 29.92 29.42
CA ASP C 237 -4.53 29.15 29.28
C ASP C 237 -4.67 27.80 29.97
N SER C 238 -5.76 27.10 29.69
CA SER C 238 -6.04 25.81 30.32
C SER C 238 -6.00 24.72 29.26
N GLU C 239 -6.09 23.46 29.71
CA GLU C 239 -5.87 22.31 28.83
C GLU C 239 -7.02 22.08 27.87
N GLU C 240 -8.18 22.70 28.11
CA GLU C 240 -9.29 22.58 27.17
C GLU C 240 -8.94 23.16 25.81
N VAL C 241 -8.12 24.21 25.78
CA VAL C 241 -7.65 24.77 24.51
C VAL C 241 -6.85 23.74 23.73
N LEU C 242 -5.96 23.02 24.43
CA LEU C 242 -5.12 22.03 23.76
C LEU C 242 -5.96 20.84 23.28
N ILE C 243 -6.95 20.42 24.06
CA ILE C 243 -7.78 19.30 23.63
C ILE C 243 -8.65 19.70 22.44
N LEU C 244 -9.17 20.93 22.43
CA LEU C 244 -9.88 21.41 21.25
C LEU C 244 -8.95 21.51 20.05
N GLN C 245 -7.69 21.89 20.27
CA GLN C 245 -6.71 21.94 19.19
C GLN C 245 -6.49 20.54 18.62
N HIS C 246 -6.50 19.52 19.47
CA HIS C 246 -6.44 18.15 18.97
C HIS C 246 -7.68 17.77 18.18
N LEU C 247 -8.87 18.20 18.65
CA LEU C 247 -10.09 17.92 17.91
C LEU C 247 -10.07 18.54 16.53
N ILE C 248 -9.59 19.79 16.45
CA ILE C 248 -9.39 20.47 15.19
C ILE C 248 -8.36 19.74 14.34
N LEU C 249 -7.33 19.21 14.97
CA LEU C 249 -6.15 18.72 14.25
C LEU C 249 -6.44 17.40 13.54
N SER C 250 -7.16 16.49 14.21
CA SER C 250 -7.29 15.11 13.74
C SER C 250 -8.73 14.72 13.43
N HIS C 251 -9.55 15.64 12.91
CA HIS C 251 -10.92 15.29 12.61
C HIS C 251 -11.06 14.52 11.30
N HIS C 252 -10.04 14.53 10.45
CA HIS C 252 -10.05 13.67 9.27
C HIS C 252 -9.58 12.26 9.57
N GLY C 253 -8.76 12.09 10.61
CA GLY C 253 -8.49 10.77 11.16
C GLY C 253 -7.21 10.09 10.74
N LYS C 254 -6.86 10.18 9.46
CA LYS C 254 -5.70 9.47 8.95
C LYS C 254 -4.80 10.44 8.21
N ALA C 255 -3.53 10.06 8.09
CA ALA C 255 -2.52 10.91 7.47
C ALA C 255 -2.82 11.11 5.99
N GLU C 256 -3.27 10.06 5.30
CA GLU C 256 -3.52 10.12 3.87
C GLU C 256 -4.66 11.07 3.50
N TRP C 257 -5.57 11.36 4.44
CA TRP C 257 -6.67 12.27 4.18
C TRP C 257 -6.39 13.70 4.63
N GLY C 258 -5.25 13.95 5.29
CA GLY C 258 -4.88 15.30 5.69
C GLY C 258 -4.69 15.52 7.17
N SER C 259 -4.81 14.49 8.01
CA SER C 259 -4.63 14.71 9.44
C SER C 259 -3.15 14.54 9.81
N PRO C 260 -2.55 15.56 10.42
CA PRO C 260 -1.13 15.44 10.81
C PRO C 260 -0.87 14.36 11.83
N LYS C 261 -1.79 14.14 12.75
CA LYS C 261 -1.65 13.16 13.82
C LYS C 261 -2.90 12.29 13.89
N PRO C 262 -2.76 11.03 14.28
CA PRO C 262 -3.93 10.19 14.53
C PRO C 262 -4.69 10.67 15.74
N PRO C 263 -6.00 10.44 15.80
CA PRO C 263 -6.78 10.85 16.98
C PRO C 263 -6.33 10.11 18.23
N MET C 264 -6.35 10.81 19.37
CA MET C 264 -5.91 10.26 20.64
C MET C 264 -6.89 10.47 21.78
N VAL C 265 -7.98 11.21 21.57
CA VAL C 265 -8.98 11.47 22.60
C VAL C 265 -10.30 10.94 22.04
N LYS C 266 -11.24 10.59 22.94
CA LYS C 266 -12.49 9.97 22.55
C LYS C 266 -13.29 10.83 21.57
N GLU C 267 -13.42 12.11 21.89
CA GLU C 267 -14.20 13.01 21.05
C GLU C 267 -13.54 13.25 19.71
N ALA C 268 -12.24 12.99 19.58
CA ALA C 268 -11.61 13.07 18.27
C ALA C 268 -12.11 11.97 17.35
N GLU C 269 -12.19 10.74 17.85
CA GLU C 269 -12.75 9.65 17.04
C GLU C 269 -14.23 9.86 16.78
N ILE C 270 -14.95 10.42 17.76
CA ILE C 270 -16.36 10.75 17.51
C ILE C 270 -16.49 11.81 16.41
N LEU C 271 -15.60 12.82 16.43
CA LEU C 271 -15.58 13.83 15.39
C LEU C 271 -15.34 13.20 14.02
N HIS C 272 -14.36 12.28 13.96
CA HIS C 272 -14.08 11.54 12.74
C HIS C 272 -15.31 10.81 12.22
N TYR C 273 -15.96 10.02 13.08
CA TYR C 273 -17.03 9.15 12.59
C TYR C 273 -18.29 9.95 12.25
N ILE C 274 -18.61 10.98 13.03
CA ILE C 274 -19.75 11.83 12.70
C ILE C 274 -19.50 12.60 11.42
N ASP C 275 -18.27 13.10 11.23
CA ASP C 275 -17.93 13.82 10.00
C ASP C 275 -18.10 12.95 8.78
N ASN C 276 -17.51 11.76 8.81
CA ASN C 276 -17.58 10.86 7.66
C ASN C 276 -19.01 10.40 7.42
N LEU C 277 -19.75 10.09 8.48
CA LEU C 277 -21.12 9.61 8.33
C LEU C 277 -22.01 10.69 7.72
N ASP C 278 -21.89 11.93 8.19
CA ASP C 278 -22.74 13.00 7.68
C ASP C 278 -22.42 13.31 6.21
N ALA C 279 -21.14 13.50 5.89
CA ALA C 279 -20.77 13.83 4.52
C ALA C 279 -21.12 12.69 3.57
N LYS C 280 -20.85 11.45 3.99
CA LYS C 280 -21.10 10.29 3.16
C LYS C 280 -22.59 10.08 2.94
N MET C 281 -23.41 10.28 3.98
CA MET C 281 -24.84 10.15 3.81
C MET C 281 -25.40 11.23 2.89
N ASN C 282 -24.90 12.46 2.99
CA ASN C 282 -25.44 13.48 2.09
C ASN C 282 -25.06 13.19 0.63
N MET C 283 -23.82 12.78 0.38
CA MET C 283 -23.46 12.50 -1.02
C MET C 283 -24.17 11.25 -1.54
N MET C 284 -24.41 10.25 -0.68
CA MET C 284 -25.15 9.07 -1.10
C MET C 284 -26.62 9.36 -1.33
N ASP C 285 -27.22 10.27 -0.55
CA ASP C 285 -28.60 10.68 -0.80
C ASP C 285 -28.71 11.50 -2.08
N ARG C 286 -27.72 12.37 -2.35
CA ARG C 286 -27.75 13.14 -3.58
C ARG C 286 -27.53 12.27 -4.81
N ALA C 287 -26.77 11.18 -4.68
CA ALA C 287 -26.59 10.28 -5.82
C ALA C 287 -27.85 9.46 -6.08
N LEU C 288 -28.62 9.16 -5.04
CA LEU C 288 -29.77 8.26 -5.13
C LEU C 288 -31.08 8.97 -5.44
N GLU C 289 -31.05 10.29 -5.65
CA GLU C 289 -32.30 11.03 -5.85
C GLU C 289 -32.93 10.73 -7.20
N ARG C 290 -32.15 10.80 -8.28
CA ARG C 290 -32.69 10.77 -9.63
C ARG C 290 -32.65 9.38 -10.25
N VAL C 291 -32.76 8.33 -9.44
CA VAL C 291 -32.63 6.96 -9.91
C VAL C 291 -33.94 6.22 -9.65
N LYS C 292 -34.50 5.62 -10.71
CA LYS C 292 -35.66 4.76 -10.60
C LYS C 292 -35.30 3.53 -9.76
N PRO C 293 -36.22 3.03 -8.94
CA PRO C 293 -35.95 1.79 -8.21
C PRO C 293 -35.71 0.62 -9.15
N GLY C 294 -34.78 -0.23 -8.78
CA GLY C 294 -34.28 -1.27 -9.66
C GLY C 294 -33.16 -0.84 -10.58
N GLU C 295 -32.64 0.38 -10.41
CA GLU C 295 -31.59 0.92 -11.25
C GLU C 295 -30.43 1.38 -10.36
N TYR C 296 -29.24 1.39 -10.93
CA TYR C 296 -28.04 1.78 -10.21
C TYR C 296 -27.80 3.28 -10.34
N THR C 297 -26.80 3.78 -9.62
CA THR C 297 -26.45 5.20 -9.62
C THR C 297 -25.23 5.46 -10.49
N GLU C 298 -24.93 6.74 -10.63
CA GLU C 298 -23.68 7.12 -11.28
C GLU C 298 -22.50 6.78 -10.39
N ARG C 299 -21.37 6.48 -11.01
CA ARG C 299 -20.18 6.10 -10.27
C ARG C 299 -19.56 7.33 -9.64
N VAL C 300 -19.82 7.54 -8.35
CA VAL C 300 -19.36 8.73 -7.65
C VAL C 300 -17.91 8.53 -7.24
N PHE C 301 -17.19 9.64 -7.05
CA PHE C 301 -15.74 9.57 -6.86
C PHE C 301 -15.34 9.56 -5.40
N ALA C 302 -16.04 10.33 -4.55
CA ALA C 302 -15.63 10.45 -3.15
C ALA C 302 -15.90 9.21 -2.32
N LEU C 303 -16.63 8.24 -2.86
CA LEU C 303 -17.00 7.01 -2.16
C LEU C 303 -16.20 5.81 -2.63
N GLU C 304 -14.90 6.01 -2.87
CA GLU C 304 -13.98 4.97 -3.35
C GLU C 304 -14.42 4.38 -4.68
N ASN C 305 -14.97 5.24 -5.54
CA ASN C 305 -15.24 4.94 -6.95
C ASN C 305 -16.24 3.78 -7.10
N ARG C 306 -17.32 3.85 -6.32
CA ARG C 306 -18.29 2.77 -6.24
C ARG C 306 -19.62 3.18 -6.84
N SER C 307 -20.51 2.19 -6.98
CA SER C 307 -21.86 2.39 -7.46
C SER C 307 -22.84 1.86 -6.43
N PHE C 308 -24.05 2.42 -6.43
CA PHE C 308 -25.07 2.09 -5.46
C PHE C 308 -26.34 1.61 -6.14
N TYR C 309 -26.98 0.61 -5.54
CA TYR C 309 -28.20 0.02 -6.07
C TYR C 309 -29.39 0.47 -5.24
N LYS C 310 -30.40 1.04 -5.90
CA LYS C 310 -31.64 1.38 -5.24
C LYS C 310 -32.57 0.17 -5.30
N PRO C 311 -33.01 -0.36 -4.16
CA PRO C 311 -33.89 -1.53 -4.19
C PRO C 311 -35.25 -1.20 -4.80
N THR C 312 -35.88 -2.23 -5.35
CA THR C 312 -37.14 -2.04 -6.07
C THR C 312 -38.30 -1.66 -5.16
N PHE C 313 -38.19 -1.92 -3.86
CA PHE C 313 -39.29 -1.65 -2.94
C PHE C 313 -39.16 -0.31 -2.23
N HIS C 314 -38.17 0.51 -2.58
CA HIS C 314 -38.05 1.85 -2.00
C HIS C 314 -38.86 2.82 -2.85
N LYS C 315 -39.94 3.34 -2.27
CA LYS C 315 -40.83 4.22 -3.00
C LYS C 315 -40.51 5.69 -2.75
N GLU D 104 -17.12 -12.04 34.17
CA GLU D 104 -17.68 -10.75 33.80
C GLU D 104 -18.91 -10.91 32.92
N THR D 105 -20.02 -10.31 33.34
CA THR D 105 -21.28 -10.38 32.62
C THR D 105 -21.64 -9.01 32.06
N ALA D 106 -22.68 -8.99 31.23
CA ALA D 106 -23.16 -7.74 30.67
C ALA D 106 -23.80 -6.88 31.76
N PRO D 107 -23.71 -5.56 31.66
CA PRO D 107 -24.34 -4.69 32.67
C PRO D 107 -25.85 -4.85 32.76
N ILE D 108 -26.51 -5.17 31.65
CA ILE D 108 -27.96 -5.38 31.61
C ILE D 108 -28.20 -6.88 31.65
N PRO D 109 -29.14 -7.37 32.47
CA PRO D 109 -29.45 -8.81 32.46
C PRO D 109 -30.08 -9.25 31.16
N LYS D 110 -30.02 -10.56 30.93
CA LYS D 110 -30.18 -11.11 29.58
C LYS D 110 -31.62 -11.12 29.12
N ASN D 111 -32.57 -11.39 30.02
CA ASN D 111 -33.96 -11.52 29.57
C ASN D 111 -34.60 -10.19 29.19
N GLU D 112 -34.19 -9.07 29.81
CA GLU D 112 -34.63 -7.77 29.32
C GLU D 112 -34.08 -7.49 27.94
N MET D 113 -32.87 -7.95 27.67
CA MET D 113 -32.24 -7.76 26.37
C MET D 113 -32.98 -8.56 25.29
N MET D 114 -33.35 -9.80 25.62
CA MET D 114 -34.18 -10.58 24.70
C MET D 114 -35.53 -9.92 24.50
N ASP D 115 -36.11 -9.34 25.56
CA ASP D 115 -37.39 -8.65 25.44
C ASP D 115 -37.30 -7.44 24.53
N THR D 116 -36.21 -6.65 24.64
CA THR D 116 -36.13 -5.46 23.80
C THR D 116 -35.81 -5.81 22.35
N ILE D 117 -35.07 -6.91 22.11
CA ILE D 117 -34.87 -7.35 20.73
C ILE D 117 -36.19 -7.84 20.13
N THR D 118 -37.00 -8.58 20.91
CA THR D 118 -38.30 -8.99 20.42
C THR D 118 -39.22 -7.79 20.19
N GLN D 119 -39.10 -6.75 21.01
CA GLN D 119 -39.87 -5.53 20.78
C GLN D 119 -39.47 -4.87 19.46
N TYR D 120 -38.17 -4.83 19.16
CA TYR D 120 -37.74 -4.28 17.88
C TYR D 120 -38.17 -5.17 16.72
N ILE D 121 -38.34 -6.47 16.95
CA ILE D 121 -38.96 -7.33 15.94
C ILE D 121 -40.41 -6.93 15.71
N PHE D 122 -41.14 -6.68 16.80
CA PHE D 122 -42.54 -6.30 16.69
C PHE D 122 -42.71 -4.96 15.99
N GLU D 123 -41.75 -4.04 16.16
CA GLU D 123 -41.84 -2.73 15.54
C GLU D 123 -41.65 -2.76 14.02
N MET D 124 -41.15 -3.85 13.46
CA MET D 124 -40.95 -3.92 12.02
C MET D 124 -42.28 -3.97 11.28
N LYS D 125 -42.30 -3.41 10.08
CA LYS D 125 -43.51 -3.32 9.27
C LYS D 125 -43.50 -4.26 8.06
N ASN D 126 -42.34 -4.57 7.53
CA ASN D 126 -42.25 -5.42 6.34
C ASN D 126 -42.45 -6.87 6.76
N PRO D 127 -43.44 -7.58 6.21
CA PRO D 127 -43.72 -8.95 6.69
C PRO D 127 -42.61 -9.95 6.42
N ASN D 128 -41.96 -9.87 5.27
CA ASN D 128 -40.90 -10.84 4.94
C ASN D 128 -39.68 -10.66 5.83
N ILE D 129 -39.25 -9.41 6.01
CA ILE D 129 -38.13 -9.09 6.90
C ILE D 129 -38.43 -9.55 8.32
N GLN D 130 -39.62 -9.23 8.81
CA GLN D 130 -40.00 -9.57 10.17
C GLN D 130 -40.04 -11.08 10.37
N ARG D 131 -40.61 -11.81 9.40
CA ARG D 131 -40.72 -13.26 9.51
C ARG D 131 -39.34 -13.91 9.51
N ILE D 132 -38.48 -13.52 8.58
CA ILE D 132 -37.16 -14.14 8.48
C ILE D 132 -36.31 -13.81 9.72
N THR D 133 -36.34 -12.55 10.15
CA THR D 133 -35.54 -12.16 11.31
C THR D 133 -36.03 -12.85 12.59
N ARG D 134 -37.35 -12.97 12.76
CA ARG D 134 -37.87 -13.69 13.90
C ARG D 134 -37.49 -15.17 13.85
N PHE D 135 -37.47 -15.76 12.65
CA PHE D 135 -37.07 -17.16 12.53
C PHE D 135 -35.62 -17.36 12.96
N LEU D 136 -34.71 -16.53 12.45
CA LEU D 136 -33.31 -16.69 12.81
C LEU D 136 -33.02 -16.35 14.26
N VAL D 137 -33.77 -15.41 14.86
CA VAL D 137 -33.60 -15.15 16.28
C VAL D 137 -34.12 -16.31 17.10
N LYS D 138 -35.25 -16.90 16.70
CA LYS D 138 -35.87 -17.95 17.50
C LYS D 138 -35.06 -19.24 17.46
N LYS D 139 -34.60 -19.65 16.27
CA LYS D 139 -33.93 -20.94 16.19
C LYS D 139 -32.50 -20.89 16.73
N HIS D 140 -31.88 -19.71 16.75
CA HIS D 140 -30.55 -19.54 17.32
C HIS D 140 -30.57 -18.84 18.67
N GLU D 141 -31.64 -19.00 19.44
CA GLU D 141 -31.90 -18.12 20.59
C GLU D 141 -30.86 -18.27 21.69
N ALA D 142 -30.59 -19.51 22.12
CA ALA D 142 -29.73 -19.72 23.28
C ALA D 142 -28.30 -19.29 23.01
N GLU D 143 -27.76 -19.65 21.84
CA GLU D 143 -26.39 -19.28 21.51
C GLU D 143 -26.27 -17.79 21.22
N PHE D 144 -27.33 -17.17 20.69
CA PHE D 144 -27.34 -15.72 20.53
C PHE D 144 -27.32 -15.02 21.88
N MET D 145 -28.01 -15.58 22.86
CA MET D 145 -28.11 -14.99 24.19
C MET D 145 -26.91 -15.32 25.08
N ASP D 146 -26.08 -16.29 24.71
CA ASP D 146 -24.95 -16.70 25.54
C ASP D 146 -23.58 -16.35 24.97
N TYR D 147 -23.35 -16.56 23.67
CA TYR D 147 -22.00 -16.56 23.10
C TYR D 147 -21.41 -15.16 23.05
N PRO D 148 -20.09 -15.04 23.08
CA PRO D 148 -19.45 -13.74 22.88
C PRO D 148 -19.40 -13.37 21.41
N ALA D 149 -19.02 -12.12 21.15
CA ALA D 149 -19.02 -11.57 19.81
C ALA D 149 -17.62 -11.44 19.21
N ALA D 150 -16.60 -11.96 19.89
CA ALA D 150 -15.24 -12.07 19.36
C ALA D 150 -14.45 -12.97 20.32
N THR D 151 -13.16 -13.10 20.04
CA THR D 151 -12.26 -13.75 20.97
C THR D 151 -11.41 -12.76 21.74
N LYS D 152 -10.96 -11.69 21.09
CA LYS D 152 -10.10 -10.70 21.73
C LYS D 152 -10.51 -9.28 21.33
N ASN D 153 -10.15 -8.35 22.21
CA ASN D 153 -10.12 -6.90 22.01
C ASN D 153 -11.47 -6.21 21.96
N HIS D 154 -12.57 -6.96 21.88
CA HIS D 154 -13.92 -6.38 21.95
C HIS D 154 -14.98 -7.44 22.17
N HIS D 155 -15.90 -7.18 23.10
CA HIS D 155 -17.09 -8.01 23.35
C HIS D 155 -16.70 -9.45 23.69
N GLU D 156 -15.62 -9.62 24.43
CA GLU D 156 -15.10 -10.94 24.74
C GLU D 156 -15.73 -11.56 25.98
N PHE D 157 -16.69 -10.88 26.60
CA PHE D 157 -17.36 -11.38 27.79
C PHE D 157 -18.60 -12.16 27.40
N VAL D 158 -19.16 -12.89 28.39
CA VAL D 158 -20.35 -13.69 28.16
C VAL D 158 -21.54 -12.76 27.91
N SER D 159 -22.42 -13.19 26.99
CA SER D 159 -23.59 -12.42 26.54
C SER D 159 -23.19 -11.07 25.95
N GLY D 160 -21.97 -10.98 25.42
CA GLY D 160 -21.52 -9.75 24.80
C GLY D 160 -22.09 -9.52 23.43
N LEU D 161 -22.46 -10.60 22.73
CA LEU D 161 -23.13 -10.47 21.45
C LEU D 161 -24.48 -9.78 21.60
N ALA D 162 -25.22 -10.12 22.67
CA ALA D 162 -26.49 -9.47 22.93
C ALA D 162 -26.30 -7.98 23.21
N TYR D 163 -25.25 -7.61 23.95
CA TYR D 163 -25.00 -6.20 24.23
C TYR D 163 -24.63 -5.45 22.96
N HIS D 164 -23.82 -6.08 22.10
CA HIS D 164 -23.50 -5.53 20.79
C HIS D 164 -24.77 -5.26 20.00
N VAL D 165 -25.66 -6.24 19.94
CA VAL D 165 -26.88 -6.11 19.15
C VAL D 165 -27.79 -5.03 19.71
N VAL D 166 -27.98 -5.00 21.03
CA VAL D 166 -28.88 -4.01 21.64
C VAL D 166 -28.35 -2.60 21.48
N SER D 167 -27.05 -2.40 21.72
CA SER D 167 -26.47 -1.06 21.56
C SER D 167 -26.55 -0.60 20.11
N MET D 168 -26.31 -1.51 19.16
CA MET D 168 -26.42 -1.11 17.76
C MET D 168 -27.86 -0.88 17.33
N LEU D 169 -28.84 -1.60 17.89
CA LEU D 169 -30.24 -1.25 17.64
C LEU D 169 -30.56 0.15 18.13
N ASN D 170 -30.08 0.51 19.32
CA ASN D 170 -30.37 1.86 19.83
C ASN D 170 -29.72 2.94 18.96
N LEU D 171 -28.46 2.71 18.56
CA LEU D 171 -27.80 3.68 17.68
C LEU D 171 -28.46 3.76 16.32
N ALA D 172 -28.89 2.61 15.77
CA ALA D 172 -29.59 2.62 14.49
C ALA D 172 -30.93 3.32 14.60
N LYS D 173 -31.60 3.19 15.73
CA LYS D 173 -32.85 3.93 15.95
C LYS D 173 -32.60 5.43 15.95
N ALA D 174 -31.52 5.86 16.62
CA ALA D 174 -31.21 7.29 16.64
C ALA D 174 -30.89 7.82 15.24
N ILE D 175 -30.07 7.07 14.49
CA ILE D 175 -29.69 7.51 13.14
C ILE D 175 -30.88 7.48 12.20
N ALA D 176 -31.76 6.49 12.34
CA ALA D 176 -32.96 6.44 11.51
C ALA D 176 -33.95 7.55 11.86
N ASP D 177 -34.03 7.93 13.14
CA ASP D 177 -34.90 9.05 13.51
C ASP D 177 -34.38 10.36 12.96
N LEU D 178 -33.05 10.55 12.95
CA LEU D 178 -32.51 11.79 12.40
C LEU D 178 -32.53 11.84 10.88
N TYR D 179 -32.34 10.71 10.20
CA TYR D 179 -32.28 10.66 8.75
C TYR D 179 -33.45 9.81 8.25
N PRO D 180 -34.55 10.42 7.80
CA PRO D 180 -35.74 9.63 7.44
C PRO D 180 -35.60 8.82 6.16
N SER D 181 -34.57 9.05 5.35
CA SER D 181 -34.46 8.36 4.07
C SER D 181 -34.12 6.88 4.23
N LEU D 182 -33.54 6.49 5.37
CA LEU D 182 -33.18 5.09 5.58
C LEU D 182 -34.42 4.24 5.83
N ASP D 183 -34.29 2.95 5.52
CA ASP D 183 -35.34 1.99 5.81
C ASP D 183 -35.08 1.39 7.18
N ARG D 184 -36.02 1.58 8.09
CA ARG D 184 -35.82 1.19 9.49
C ARG D 184 -35.80 -0.32 9.66
N ASP D 185 -36.71 -1.01 8.97
CA ASP D 185 -36.89 -2.46 9.17
C ASP D 185 -35.67 -3.23 8.69
N LEU D 186 -35.21 -2.92 7.47
CA LEU D 186 -34.08 -3.64 6.90
C LEU D 186 -32.78 -3.32 7.63
N LEU D 187 -32.63 -2.07 8.10
CA LEU D 187 -31.49 -1.72 8.94
C LEU D 187 -31.51 -2.51 10.24
N TYR D 188 -32.67 -2.63 10.87
CA TYR D 188 -32.77 -3.38 12.13
C TYR D 188 -32.43 -4.85 11.91
N ALA D 189 -32.93 -5.43 10.81
CA ALA D 189 -32.63 -6.84 10.52
C ALA D 189 -31.15 -7.04 10.26
N GLY D 190 -30.52 -6.12 9.52
CA GLY D 190 -29.09 -6.20 9.30
C GLY D 190 -28.28 -6.05 10.58
N VAL D 191 -28.77 -5.23 11.51
CA VAL D 191 -28.10 -5.11 12.80
C VAL D 191 -28.20 -6.41 13.59
N ILE D 192 -29.38 -7.04 13.58
CA ILE D 192 -29.57 -8.26 14.36
C ILE D 192 -28.76 -9.41 13.77
N LEU D 193 -28.74 -9.56 12.45
CA LEU D 193 -28.24 -10.77 11.82
C LEU D 193 -26.77 -10.74 11.43
N HIS D 194 -26.06 -9.62 11.60
CA HIS D 194 -24.73 -9.54 10.99
C HIS D 194 -23.68 -10.33 11.75
N ASP D 195 -23.72 -10.31 13.09
CA ASP D 195 -22.82 -11.11 13.90
C ASP D 195 -23.51 -12.33 14.50
N LEU D 196 -24.57 -12.81 13.84
CA LEU D 196 -25.24 -14.02 14.31
C LEU D 196 -24.35 -15.23 14.10
N GLY D 197 -23.56 -15.24 13.02
CA GLY D 197 -22.76 -16.39 12.64
C GLY D 197 -21.74 -16.82 13.65
N LYS D 198 -21.36 -15.93 14.56
CA LYS D 198 -20.44 -16.30 15.64
C LYS D 198 -21.08 -17.22 16.67
N VAL D 199 -22.35 -17.61 16.51
CA VAL D 199 -22.86 -18.71 17.31
C VAL D 199 -22.28 -20.03 16.85
N LYS D 200 -21.81 -20.09 15.60
CA LYS D 200 -21.17 -21.28 15.07
C LYS D 200 -19.70 -21.08 14.72
N GLU D 201 -19.23 -19.84 14.63
CA GLU D 201 -17.79 -19.61 14.52
C GLU D 201 -17.07 -19.89 15.83
N LEU D 202 -17.64 -19.44 16.94
CA LEU D 202 -17.01 -19.58 18.25
C LEU D 202 -17.48 -20.86 18.92
N SER D 203 -16.64 -21.36 19.83
CA SER D 203 -16.92 -22.63 20.49
C SER D 203 -17.97 -22.49 21.58
N GLY D 204 -17.95 -21.39 22.32
CA GLY D 204 -18.91 -21.18 23.38
C GLY D 204 -18.51 -20.04 24.31
N PRO D 205 -19.35 -19.75 25.30
CA PRO D 205 -19.00 -18.71 26.28
C PRO D 205 -17.77 -19.04 27.10
N VAL D 206 -17.50 -20.32 27.33
CA VAL D 206 -16.35 -20.76 28.11
C VAL D 206 -15.30 -21.30 27.15
N SER D 207 -14.06 -20.87 27.34
CA SER D 207 -12.90 -21.21 26.51
C SER D 207 -13.18 -20.96 25.03
N THR D 208 -13.37 -19.67 24.73
CA THR D 208 -13.72 -19.23 23.39
C THR D 208 -12.58 -19.52 22.41
N SER D 209 -12.91 -20.20 21.32
CA SER D 209 -11.92 -20.53 20.30
C SER D 209 -12.64 -20.71 18.97
N TYR D 210 -11.89 -20.49 17.89
CA TYR D 210 -12.40 -20.70 16.55
C TYR D 210 -12.57 -22.19 16.27
N THR D 211 -13.73 -22.56 15.76
CA THR D 211 -13.94 -23.92 15.28
C THR D 211 -13.43 -24.02 13.85
N VAL D 212 -13.48 -25.22 13.28
CA VAL D 212 -12.99 -25.41 11.91
C VAL D 212 -13.86 -24.68 10.90
N GLU D 213 -15.18 -24.67 11.12
CA GLU D 213 -16.09 -24.03 10.16
C GLU D 213 -15.91 -22.52 10.17
N GLY D 214 -15.84 -21.93 11.36
CA GLY D 214 -15.68 -20.49 11.45
C GLY D 214 -14.32 -20.01 10.98
N ASN D 215 -13.27 -20.77 11.30
CA ASN D 215 -11.93 -20.37 10.89
C ASN D 215 -11.77 -20.52 9.38
N LEU D 216 -12.30 -21.61 8.82
CA LEU D 216 -12.08 -21.85 7.40
C LEU D 216 -12.99 -20.98 6.54
N LEU D 217 -14.27 -20.85 6.91
CA LEU D 217 -15.23 -20.10 6.11
C LEU D 217 -15.38 -18.65 6.57
N GLY D 218 -15.80 -18.45 7.82
CA GLY D 218 -16.06 -17.13 8.34
C GLY D 218 -17.53 -16.93 8.68
N HIS D 219 -17.79 -15.92 9.51
CA HIS D 219 -19.15 -15.66 9.97
C HIS D 219 -20.02 -14.99 8.93
N ILE D 220 -19.43 -14.48 7.85
CA ILE D 220 -20.21 -13.83 6.79
C ILE D 220 -20.83 -14.89 5.87
N SER D 221 -19.99 -15.77 5.33
CA SER D 221 -20.44 -16.75 4.35
C SER D 221 -21.33 -17.82 4.98
N ILE D 222 -21.28 -17.99 6.30
CA ILE D 222 -22.14 -18.98 6.93
C ILE D 222 -23.54 -18.40 7.17
N MET D 223 -23.62 -17.09 7.47
CA MET D 223 -24.94 -16.47 7.59
C MET D 223 -25.60 -16.18 6.25
N VAL D 224 -24.83 -15.96 5.19
CA VAL D 224 -25.46 -15.89 3.87
C VAL D 224 -26.15 -17.21 3.55
N THR D 225 -25.47 -18.33 3.82
CA THR D 225 -26.05 -19.65 3.62
C THR D 225 -27.26 -19.89 4.52
N GLU D 226 -27.16 -19.51 5.79
CA GLU D 226 -28.26 -19.70 6.73
C GLU D 226 -29.47 -18.87 6.32
N LEU D 227 -29.23 -17.64 5.85
CA LEU D 227 -30.31 -16.78 5.41
C LEU D 227 -31.01 -17.35 4.19
N SER D 228 -30.24 -17.88 3.23
CA SER D 228 -30.85 -18.48 2.05
C SER D 228 -31.63 -19.74 2.39
N LYS D 229 -31.10 -20.56 3.31
CA LYS D 229 -31.81 -21.75 3.75
C LYS D 229 -33.12 -21.41 4.45
N ALA D 230 -33.11 -20.39 5.29
CA ALA D 230 -34.34 -19.96 5.96
C ALA D 230 -35.34 -19.40 4.95
N ALA D 231 -34.85 -18.67 3.94
CA ALA D 231 -35.74 -18.15 2.90
C ALA D 231 -36.38 -19.29 2.11
N GLU D 232 -35.60 -20.33 1.80
CA GLU D 232 -36.17 -21.48 1.10
C GLU D 232 -37.17 -22.23 1.96
N GLU D 233 -36.92 -22.30 3.27
CA GLU D 233 -37.81 -23.04 4.17
C GLU D 233 -39.12 -22.28 4.39
N LEU D 234 -39.06 -20.95 4.51
CA LEU D 234 -40.25 -20.15 4.78
C LEU D 234 -41.00 -19.76 3.51
N GLN D 235 -40.60 -20.29 2.35
CA GLN D 235 -41.26 -20.04 1.06
C GLN D 235 -41.30 -18.56 0.72
N ILE D 236 -40.18 -17.88 0.96
CA ILE D 236 -40.03 -16.46 0.67
C ILE D 236 -38.95 -16.32 -0.40
N ASP D 237 -39.32 -15.71 -1.52
CA ASP D 237 -38.43 -15.59 -2.68
C ASP D 237 -38.45 -14.17 -3.21
N SER D 238 -38.31 -13.20 -2.30
CA SER D 238 -38.38 -11.79 -2.64
C SER D 238 -36.98 -11.17 -2.59
N GLU D 239 -36.86 -9.95 -3.10
CA GLU D 239 -35.58 -9.24 -3.13
C GLU D 239 -35.13 -8.83 -1.73
N GLU D 240 -36.05 -8.88 -0.76
CA GLU D 240 -35.69 -8.60 0.63
C GLU D 240 -34.60 -9.53 1.13
N VAL D 241 -34.68 -10.81 0.76
CA VAL D 241 -33.68 -11.80 1.15
C VAL D 241 -32.31 -11.43 0.58
N LEU D 242 -32.28 -11.04 -0.69
CA LEU D 242 -31.01 -10.72 -1.34
C LEU D 242 -30.38 -9.46 -0.75
N ILE D 243 -31.21 -8.46 -0.42
CA ILE D 243 -30.65 -7.25 0.19
C ILE D 243 -30.14 -7.56 1.60
N LEU D 244 -30.84 -8.43 2.34
CA LEU D 244 -30.31 -8.85 3.64
C LEU D 244 -28.99 -9.62 3.50
N GLN D 245 -28.89 -10.45 2.46
CA GLN D 245 -27.64 -11.17 2.22
C GLN D 245 -26.51 -10.20 1.89
N HIS D 246 -26.82 -9.10 1.20
CA HIS D 246 -25.80 -8.09 0.98
C HIS D 246 -25.42 -7.36 2.26
N LEU D 247 -26.40 -7.13 3.14
CA LEU D 247 -26.09 -6.51 4.44
C LEU D 247 -25.15 -7.40 5.25
N ILE D 248 -25.42 -8.72 5.25
CA ILE D 248 -24.55 -9.66 5.94
C ILE D 248 -23.19 -9.73 5.26
N LEU D 249 -23.16 -9.61 3.92
CA LEU D 249 -21.93 -9.83 3.16
C LEU D 249 -20.91 -8.73 3.42
N SER D 250 -21.35 -7.47 3.43
CA SER D 250 -20.44 -6.33 3.40
C SER D 250 -20.53 -5.47 4.65
N HIS D 251 -20.74 -6.06 5.82
CA HIS D 251 -20.79 -5.26 7.03
C HIS D 251 -19.41 -4.87 7.53
N HIS D 252 -18.35 -5.50 7.03
CA HIS D 252 -17.00 -5.12 7.44
C HIS D 252 -16.39 -4.06 6.52
N GLY D 253 -17.07 -3.71 5.43
CA GLY D 253 -16.75 -2.51 4.69
C GLY D 253 -15.71 -2.63 3.59
N LYS D 254 -14.61 -3.31 3.85
CA LYS D 254 -13.51 -3.35 2.91
C LYS D 254 -12.99 -4.77 2.79
N ALA D 255 -12.27 -5.02 1.69
CA ALA D 255 -11.77 -6.35 1.41
C ALA D 255 -10.71 -6.78 2.43
N GLU D 256 -9.87 -5.85 2.87
CA GLU D 256 -8.79 -6.18 3.79
C GLU D 256 -9.29 -6.59 5.16
N TRP D 257 -10.51 -6.23 5.54
CA TRP D 257 -11.07 -6.62 6.83
C TRP D 257 -11.98 -7.83 6.76
N GLY D 258 -12.26 -8.35 5.56
CA GLY D 258 -13.03 -9.57 5.44
C GLY D 258 -14.28 -9.49 4.59
N SER D 259 -14.58 -8.31 4.04
CA SER D 259 -15.77 -8.21 3.20
C SER D 259 -15.46 -8.69 1.79
N PRO D 260 -16.23 -9.64 1.26
CA PRO D 260 -16.03 -10.06 -0.14
C PRO D 260 -16.27 -8.94 -1.14
N LYS D 261 -17.25 -8.07 -0.88
CA LYS D 261 -17.64 -7.00 -1.77
C LYS D 261 -17.78 -5.71 -0.99
N PRO D 262 -17.50 -4.57 -1.62
CA PRO D 262 -17.80 -3.28 -0.99
C PRO D 262 -19.28 -3.08 -0.83
N PRO D 263 -19.72 -2.33 0.18
CA PRO D 263 -21.15 -2.05 0.32
C PRO D 263 -21.69 -1.25 -0.85
N MET D 264 -22.92 -1.56 -1.24
CA MET D 264 -23.57 -0.91 -2.37
C MET D 264 -24.97 -0.41 -2.06
N VAL D 265 -25.39 -0.43 -0.80
CA VAL D 265 -26.71 0.02 -0.37
C VAL D 265 -26.49 0.92 0.84
N LYS D 266 -27.38 1.91 1.01
CA LYS D 266 -27.26 2.89 2.09
C LYS D 266 -27.18 2.22 3.46
N GLU D 267 -28.09 1.28 3.72
CA GLU D 267 -28.13 0.59 4.98
C GLU D 267 -26.91 -0.29 5.20
N ALA D 268 -26.23 -0.71 4.13
CA ALA D 268 -24.98 -1.45 4.31
C ALA D 268 -23.90 -0.56 4.88
N GLU D 269 -23.77 0.67 4.38
CA GLU D 269 -22.77 1.59 4.92
C GLU D 269 -23.13 2.03 6.34
N ILE D 270 -24.43 2.22 6.61
CA ILE D 270 -24.85 2.56 7.96
C ILE D 270 -24.59 1.40 8.92
N LEU D 271 -24.80 0.16 8.44
CA LEU D 271 -24.41 -1.03 9.21
C LEU D 271 -22.93 -1.02 9.55
N HIS D 272 -22.10 -0.74 8.56
CA HIS D 272 -20.65 -0.71 8.77
C HIS D 272 -20.25 0.35 9.78
N TYR D 273 -20.85 1.55 9.69
CA TYR D 273 -20.42 2.62 10.57
C TYR D 273 -20.93 2.43 11.99
N ILE D 274 -22.15 1.89 12.16
CA ILE D 274 -22.62 1.59 13.51
C ILE D 274 -21.79 0.48 14.13
N ASP D 275 -21.43 -0.55 13.34
CA ASP D 275 -20.60 -1.63 13.86
C ASP D 275 -19.23 -1.13 14.32
N ASN D 276 -18.59 -0.31 13.48
CA ASN D 276 -17.29 0.25 13.84
C ASN D 276 -17.39 1.12 15.07
N LEU D 277 -18.42 1.98 15.14
CA LEU D 277 -18.53 2.91 16.26
C LEU D 277 -18.78 2.18 17.57
N ASP D 278 -19.64 1.16 17.56
CA ASP D 278 -19.96 0.46 18.80
C ASP D 278 -18.79 -0.40 19.29
N ALA D 279 -18.15 -1.13 18.37
CA ALA D 279 -16.99 -1.93 18.77
C ALA D 279 -15.85 -1.05 19.27
N LYS D 280 -15.62 0.07 18.57
CA LYS D 280 -14.60 1.03 18.98
C LYS D 280 -14.93 1.62 20.34
N MET D 281 -16.20 1.93 20.59
CA MET D 281 -16.56 2.54 21.87
C MET D 281 -16.38 1.56 23.02
N ASN D 282 -16.73 0.30 22.82
CA ASN D 282 -16.57 -0.64 23.93
C ASN D 282 -15.09 -0.91 24.22
N MET D 283 -14.28 -1.13 23.18
CA MET D 283 -12.84 -1.33 23.43
C MET D 283 -12.18 -0.07 23.97
N MET D 284 -12.69 1.10 23.58
CA MET D 284 -12.10 2.38 23.90
C MET D 284 -12.47 2.83 25.30
N ASP D 285 -13.66 2.46 25.77
CA ASP D 285 -14.02 2.69 27.16
C ASP D 285 -13.33 1.68 28.07
N ARG D 286 -13.15 0.43 27.61
CA ARG D 286 -12.42 -0.54 28.41
C ARG D 286 -10.94 -0.17 28.55
N ALA D 287 -10.37 0.52 27.55
CA ALA D 287 -8.99 0.95 27.68
C ALA D 287 -8.83 2.09 28.68
N LEU D 288 -9.87 2.91 28.85
CA LEU D 288 -9.79 4.13 29.64
C LEU D 288 -10.26 3.97 31.08
N GLU D 289 -10.62 2.75 31.51
CA GLU D 289 -11.17 2.60 32.86
C GLU D 289 -10.11 2.81 33.93
N ARG D 290 -8.95 2.17 33.78
CA ARG D 290 -7.96 2.08 34.85
C ARG D 290 -6.87 3.13 34.74
N VAL D 291 -7.14 4.26 34.09
CA VAL D 291 -6.14 5.27 33.81
C VAL D 291 -6.52 6.55 34.56
N LYS D 292 -5.58 7.05 35.36
CA LYS D 292 -5.76 8.30 36.08
C LYS D 292 -5.86 9.46 35.10
N PRO D 293 -6.56 10.54 35.46
CA PRO D 293 -6.60 11.72 34.59
C PRO D 293 -5.21 12.33 34.43
N GLY D 294 -4.91 12.78 33.21
CA GLY D 294 -3.60 13.25 32.88
C GLY D 294 -2.61 12.17 32.52
N GLU D 295 -3.05 10.92 32.39
CA GLU D 295 -2.18 9.80 32.09
C GLU D 295 -2.65 9.16 30.78
N TYR D 296 -1.70 8.57 30.06
CA TYR D 296 -1.98 7.87 28.83
C TYR D 296 -2.45 6.44 29.13
N THR D 297 -2.93 5.76 28.11
CA THR D 297 -3.45 4.41 28.23
C THR D 297 -2.50 3.39 27.65
N GLU D 298 -2.83 2.13 27.85
CA GLU D 298 -2.04 1.04 27.28
C GLU D 298 -2.20 1.02 25.76
N ARG D 299 -1.15 0.56 25.10
CA ARG D 299 -1.11 0.55 23.63
C ARG D 299 -2.01 -0.56 23.13
N VAL D 300 -3.19 -0.19 22.63
CA VAL D 300 -4.18 -1.16 22.16
C VAL D 300 -3.87 -1.55 20.73
N PHE D 301 -4.24 -2.76 20.34
CA PHE D 301 -3.80 -3.31 19.07
C PHE D 301 -4.77 -3.03 17.93
N ALA D 302 -6.06 -3.28 18.14
CA ALA D 302 -7.02 -3.22 17.04
C ALA D 302 -7.44 -1.79 16.71
N LEU D 303 -6.89 -0.78 17.39
CA LEU D 303 -7.15 0.62 17.08
C LEU D 303 -6.03 1.23 16.25
N GLU D 304 -5.46 0.43 15.35
CA GLU D 304 -4.31 0.81 14.53
C GLU D 304 -3.11 1.22 15.38
N ASN D 305 -2.92 0.51 16.50
CA ASN D 305 -1.71 0.58 17.31
C ASN D 305 -1.49 1.98 17.89
N ARG D 306 -2.50 2.47 18.60
CA ARG D 306 -2.48 3.84 19.13
C ARG D 306 -2.56 3.84 20.65
N SER D 307 -2.16 4.99 21.22
CA SER D 307 -2.24 5.25 22.64
C SER D 307 -3.14 6.46 22.87
N PHE D 308 -3.96 6.39 23.90
CA PHE D 308 -5.05 7.34 24.09
C PHE D 308 -4.81 8.14 25.37
N TYR D 309 -5.21 9.40 25.34
CA TYR D 309 -4.97 10.33 26.44
C TYR D 309 -6.28 10.67 27.14
N LYS D 310 -6.26 10.57 28.46
CA LYS D 310 -7.38 11.02 29.28
C LYS D 310 -7.10 12.44 29.75
N PRO D 311 -7.91 13.43 29.38
CA PRO D 311 -7.66 14.80 29.81
C PRO D 311 -7.89 14.96 31.31
N THR D 312 -7.28 16.02 31.85
CA THR D 312 -7.29 16.21 33.31
C THR D 312 -8.65 16.60 33.86
N PHE D 313 -9.57 17.08 33.02
CA PHE D 313 -10.85 17.55 33.51
C PHE D 313 -11.95 16.49 33.48
N HIS D 314 -11.63 15.25 33.13
CA HIS D 314 -12.61 14.16 33.17
C HIS D 314 -12.53 13.48 34.54
N LYS D 315 -13.58 13.63 35.34
CA LYS D 315 -13.61 13.06 36.68
C LYS D 315 -14.30 11.70 36.69
N GLU E 104 16.50 22.40 -28.68
CA GLU E 104 16.99 22.88 -27.39
C GLU E 104 18.26 22.15 -26.98
N THR E 105 19.31 22.92 -26.67
CA THR E 105 20.60 22.38 -26.27
C THR E 105 20.89 22.76 -24.82
N ALA E 106 21.96 22.17 -24.29
CA ALA E 106 22.40 22.47 -22.94
C ALA E 106 22.93 23.91 -22.87
N PRO E 107 22.73 24.59 -21.74
CA PRO E 107 23.24 25.97 -21.62
C PRO E 107 24.75 26.07 -21.69
N ILE E 108 25.47 25.05 -21.23
CA ILE E 108 26.94 25.00 -21.32
C ILE E 108 27.30 24.14 -22.51
N PRO E 109 28.20 24.57 -23.39
CA PRO E 109 28.57 23.77 -24.55
C PRO E 109 29.30 22.49 -24.16
N LYS E 110 29.34 21.56 -25.11
CA LYS E 110 29.59 20.15 -24.80
C LYS E 110 31.04 19.88 -24.44
N ASN E 111 31.99 20.52 -25.13
CA ASN E 111 33.39 20.19 -24.88
C ASN E 111 33.89 20.74 -23.55
N GLU E 112 33.28 21.81 -23.01
CA GLU E 112 33.58 22.20 -21.64
C GLU E 112 33.09 21.16 -20.64
N MET E 113 31.92 20.55 -20.90
CA MET E 113 31.46 19.46 -20.06
C MET E 113 32.42 18.27 -20.12
N MET E 114 32.89 17.94 -21.31
CA MET E 114 33.86 16.85 -21.43
C MET E 114 35.17 17.18 -20.69
N ASP E 115 35.62 18.44 -20.80
CA ASP E 115 36.85 18.84 -20.12
C ASP E 115 36.69 18.79 -18.60
N THR E 116 35.54 19.23 -18.06
CA THR E 116 35.40 19.22 -16.61
C THR E 116 35.21 17.80 -16.08
N ILE E 117 34.55 16.92 -16.84
CA ILE E 117 34.47 15.51 -16.43
C ILE E 117 35.84 14.85 -16.46
N THR E 118 36.66 15.15 -17.49
CA THR E 118 38.02 14.63 -17.53
C THR E 118 38.86 15.17 -16.38
N GLN E 119 38.65 16.43 -16.00
CA GLN E 119 39.35 16.99 -14.85
C GLN E 119 38.98 16.27 -13.56
N TYR E 120 37.69 15.95 -13.39
CA TYR E 120 37.29 15.20 -12.21
C TYR E 120 37.80 13.76 -12.24
N ILE E 121 38.02 13.20 -13.43
CA ILE E 121 38.72 11.92 -13.53
C ILE E 121 40.16 12.07 -13.05
N PHE E 122 40.82 13.14 -13.47
CA PHE E 122 42.21 13.35 -13.10
C PHE E 122 42.36 13.64 -11.61
N GLU E 123 41.31 14.17 -10.97
CA GLU E 123 41.34 14.43 -9.54
C GLU E 123 41.21 13.16 -8.70
N MET E 124 40.89 12.03 -9.30
CA MET E 124 40.70 10.79 -8.55
C MET E 124 42.04 10.26 -8.04
N LYS E 125 42.02 9.61 -6.88
CA LYS E 125 43.23 9.09 -6.26
C LYS E 125 43.36 7.58 -6.34
N ASN E 126 42.24 6.85 -6.32
CA ASN E 126 42.29 5.39 -6.32
C ASN E 126 42.56 4.89 -7.74
N PRO E 127 43.66 4.18 -7.99
CA PRO E 127 43.99 3.81 -9.38
C PRO E 127 42.99 2.90 -10.07
N ASN E 128 42.40 1.95 -9.34
CA ASN E 128 41.43 1.05 -9.94
C ASN E 128 40.19 1.80 -10.39
N ILE E 129 39.68 2.68 -9.52
CA ILE E 129 38.50 3.48 -9.81
C ILE E 129 38.73 4.36 -11.03
N GLN E 130 39.84 5.09 -11.05
CA GLN E 130 40.09 6.00 -12.16
C GLN E 130 40.32 5.25 -13.46
N ARG E 131 40.99 4.10 -13.40
CA ARG E 131 41.22 3.32 -14.62
C ARG E 131 39.92 2.83 -15.22
N ILE E 132 39.05 2.22 -14.39
CA ILE E 132 37.79 1.70 -14.89
C ILE E 132 36.90 2.83 -15.40
N THR E 133 36.82 3.92 -14.65
CA THR E 133 35.93 5.01 -15.04
C THR E 133 36.41 5.72 -16.29
N ARG E 134 37.73 5.93 -16.42
CA ARG E 134 38.28 6.53 -17.61
C ARG E 134 38.07 5.66 -18.83
N PHE E 135 38.22 4.33 -18.67
CA PHE E 135 37.95 3.42 -19.77
C PHE E 135 36.49 3.50 -20.22
N LEU E 136 35.56 3.49 -19.27
CA LEU E 136 34.15 3.43 -19.64
C LEU E 136 33.65 4.76 -20.18
N VAL E 137 34.24 5.88 -19.75
CA VAL E 137 33.92 7.16 -20.38
C VAL E 137 34.51 7.24 -21.77
N LYS E 138 35.75 6.76 -21.95
CA LYS E 138 36.43 6.89 -23.24
C LYS E 138 35.77 6.04 -24.32
N LYS E 139 35.38 4.81 -23.99
CA LYS E 139 34.80 3.95 -25.02
C LYS E 139 33.36 4.33 -25.34
N HIS E 140 32.66 5.00 -24.42
CA HIS E 140 31.29 5.44 -24.63
C HIS E 140 31.18 6.94 -24.82
N GLU E 141 32.20 7.58 -25.41
CA GLU E 141 32.33 9.04 -25.32
C GLU E 141 31.25 9.76 -26.12
N ALA E 142 31.05 9.36 -27.39
CA ALA E 142 30.15 10.11 -28.26
C ALA E 142 28.70 10.02 -27.81
N GLU E 143 28.25 8.82 -27.44
CA GLU E 143 26.87 8.66 -27.01
C GLU E 143 26.64 9.27 -25.63
N PHE E 144 27.67 9.30 -24.77
CA PHE E 144 27.56 10.01 -23.51
C PHE E 144 27.46 11.51 -23.73
N MET E 145 28.14 12.02 -24.76
CA MET E 145 28.15 13.44 -25.06
C MET E 145 26.93 13.89 -25.87
N ASP E 146 26.19 12.97 -26.47
CA ASP E 146 25.05 13.32 -27.32
C ASP E 146 23.68 12.94 -26.75
N TYR E 147 23.54 11.75 -26.17
CA TYR E 147 22.23 11.19 -25.86
C TYR E 147 21.58 11.91 -24.67
N PRO E 148 20.25 11.91 -24.61
CA PRO E 148 19.57 12.45 -23.43
C PRO E 148 19.55 11.43 -22.30
N ALA E 149 19.09 11.90 -21.14
CA ALA E 149 19.12 11.09 -19.92
C ALA E 149 17.76 10.51 -19.54
N ALA E 150 16.75 10.71 -20.37
CA ALA E 150 15.42 10.10 -20.19
C ALA E 150 14.65 10.31 -21.48
N THR E 151 13.39 9.84 -21.47
CA THR E 151 12.49 10.07 -22.60
C THR E 151 11.52 11.23 -22.33
N LYS E 152 10.98 11.30 -21.12
CA LYS E 152 10.03 12.36 -20.76
C LYS E 152 10.32 12.88 -19.36
N ASN E 153 9.85 14.11 -19.14
CA ASN E 153 9.66 14.75 -17.84
C ASN E 153 10.95 15.20 -17.14
N HIS E 154 12.12 14.83 -17.67
CA HIS E 154 13.40 15.35 -17.18
C HIS E 154 14.53 15.03 -18.14
N HIS E 155 15.40 16.01 -18.40
CA HIS E 155 16.65 15.83 -19.16
C HIS E 155 16.38 15.26 -20.56
N GLU E 156 15.31 15.72 -21.20
CA GLU E 156 14.88 15.19 -22.48
C GLU E 156 15.51 15.88 -23.66
N PHE E 157 16.43 16.82 -23.43
CA PHE E 157 17.07 17.58 -24.49
C PHE E 157 18.42 16.98 -24.84
N VAL E 158 18.95 17.40 -26.00
CA VAL E 158 20.19 16.87 -26.51
C VAL E 158 21.35 17.28 -25.61
N SER E 159 22.28 16.35 -25.40
CA SER E 159 23.40 16.47 -24.45
C SER E 159 22.91 16.77 -23.04
N GLY E 160 21.70 16.29 -22.72
CA GLY E 160 21.17 16.46 -21.39
C GLY E 160 21.80 15.54 -20.37
N LEU E 161 22.27 14.37 -20.82
CA LEU E 161 22.99 13.47 -19.93
C LEU E 161 24.27 14.11 -19.43
N ALA E 162 24.98 14.82 -20.30
CA ALA E 162 26.22 15.48 -19.89
C ALA E 162 25.96 16.57 -18.86
N TYR E 163 24.90 17.37 -19.06
CA TYR E 163 24.57 18.41 -18.09
C TYR E 163 24.14 17.80 -16.76
N HIS E 164 23.36 16.72 -16.81
CA HIS E 164 22.98 15.96 -15.62
C HIS E 164 24.22 15.51 -14.85
N VAL E 165 25.19 14.95 -15.58
CA VAL E 165 26.41 14.45 -14.97
C VAL E 165 27.22 15.58 -14.34
N VAL E 166 27.40 16.70 -15.05
CA VAL E 166 28.23 17.79 -14.51
C VAL E 166 27.58 18.42 -13.28
N SER E 167 26.27 18.67 -13.34
CA SER E 167 25.59 19.25 -12.19
C SER E 167 25.64 18.31 -10.98
N MET E 168 25.46 17.00 -11.23
CA MET E 168 25.54 16.03 -10.15
C MET E 168 26.93 15.95 -9.54
N LEU E 169 27.99 15.99 -10.35
CA LEU E 169 29.34 16.03 -9.77
C LEU E 169 29.61 17.30 -8.97
N ASN E 170 29.12 18.44 -9.44
CA ASN E 170 29.31 19.67 -8.66
C ASN E 170 28.63 19.58 -7.30
N LEU E 171 27.40 19.06 -7.28
CA LEU E 171 26.68 18.98 -6.01
C LEU E 171 27.26 17.88 -5.12
N ALA E 172 27.79 16.81 -5.72
CA ALA E 172 28.49 15.78 -4.96
C ALA E 172 29.77 16.31 -4.36
N LYS E 173 30.48 17.17 -5.09
CA LYS E 173 31.67 17.82 -4.54
C LYS E 173 31.31 18.69 -3.35
N ALA E 174 30.20 19.43 -3.45
CA ALA E 174 29.75 20.25 -2.32
C ALA E 174 29.44 19.39 -1.09
N ILE E 175 28.66 18.31 -1.27
CA ILE E 175 28.31 17.46 -0.14
C ILE E 175 29.54 16.78 0.45
N ALA E 176 30.44 16.29 -0.40
CA ALA E 176 31.62 15.60 0.10
C ALA E 176 32.61 16.55 0.78
N ASP E 177 32.67 17.81 0.34
CA ASP E 177 33.48 18.79 1.05
C ASP E 177 32.90 19.10 2.42
N LEU E 178 31.57 19.14 2.53
CA LEU E 178 30.98 19.40 3.85
C LEU E 178 31.05 18.19 4.78
N TYR E 179 31.02 16.96 4.25
CA TYR E 179 31.07 15.74 5.06
C TYR E 179 32.33 14.97 4.71
N PRO E 180 33.39 15.05 5.52
CA PRO E 180 34.66 14.40 5.15
C PRO E 180 34.62 12.88 5.20
N SER E 181 33.60 12.27 5.80
CA SER E 181 33.57 10.82 5.93
C SER E 181 33.35 10.11 4.61
N LEU E 182 32.82 10.80 3.60
CA LEU E 182 32.57 10.20 2.30
C LEU E 182 33.87 9.94 1.56
N ASP E 183 33.82 9.01 0.60
CA ASP E 183 34.93 8.78 -0.30
C ASP E 183 34.68 9.54 -1.60
N ARG E 184 35.63 10.39 -1.99
CA ARG E 184 35.47 11.22 -3.18
C ARG E 184 35.48 10.39 -4.44
N ASP E 185 36.42 9.43 -4.54
CA ASP E 185 36.66 8.73 -5.80
C ASP E 185 35.51 7.78 -6.12
N LEU E 186 35.06 7.03 -5.12
CA LEU E 186 33.95 6.09 -5.31
C LEU E 186 32.68 6.83 -5.69
N LEU E 187 32.41 7.96 -5.01
CA LEU E 187 31.24 8.78 -5.31
C LEU E 187 31.31 9.33 -6.73
N TYR E 188 32.47 9.84 -7.13
CA TYR E 188 32.60 10.43 -8.46
C TYR E 188 32.43 9.38 -9.56
N ALA E 189 33.01 8.19 -9.37
CA ALA E 189 32.83 7.14 -10.36
C ALA E 189 31.38 6.69 -10.43
N GLY E 190 30.72 6.54 -9.27
CA GLY E 190 29.33 6.14 -9.27
C GLY E 190 28.41 7.18 -9.90
N VAL E 191 28.74 8.46 -9.75
CA VAL E 191 27.87 9.49 -10.28
C VAL E 191 28.12 9.69 -11.77
N ILE E 192 29.33 9.42 -12.24
CA ILE E 192 29.55 9.44 -13.69
C ILE E 192 28.87 8.24 -14.36
N LEU E 193 28.98 7.05 -13.76
CA LEU E 193 28.63 5.82 -14.46
C LEU E 193 27.18 5.37 -14.29
N HIS E 194 26.37 6.07 -13.48
CA HIS E 194 25.07 5.49 -13.13
C HIS E 194 24.05 5.58 -14.25
N ASP E 195 24.01 6.70 -14.98
CA ASP E 195 23.15 6.82 -16.15
C ASP E 195 23.91 6.66 -17.46
N LEU E 196 25.07 6.00 -17.40
CA LEU E 196 25.80 5.72 -18.64
C LEU E 196 25.07 4.69 -19.48
N GLY E 197 24.40 3.73 -18.84
CA GLY E 197 23.73 2.66 -19.56
C GLY E 197 22.66 3.13 -20.53
N LYS E 198 22.11 4.33 -20.30
CA LYS E 198 21.15 4.90 -21.23
C LYS E 198 21.76 5.32 -22.56
N VAL E 199 23.06 5.08 -22.80
CA VAL E 199 23.57 5.21 -24.15
C VAL E 199 23.06 4.06 -25.01
N LYS E 200 22.67 2.95 -24.37
CA LYS E 200 22.13 1.81 -25.10
C LYS E 200 20.67 1.54 -24.81
N GLU E 201 20.09 2.16 -23.77
CA GLU E 201 18.66 2.06 -23.55
C GLU E 201 17.88 2.91 -24.56
N LEU E 202 18.34 4.12 -24.80
CA LEU E 202 17.66 5.04 -25.70
C LEU E 202 18.15 4.87 -27.13
N SER E 203 17.36 5.38 -28.07
CA SER E 203 17.69 5.21 -29.48
C SER E 203 18.69 6.24 -29.96
N GLY E 204 18.56 7.49 -29.51
CA GLY E 204 19.45 8.54 -29.93
C GLY E 204 18.95 9.91 -29.54
N PRO E 205 19.73 10.96 -29.84
CA PRO E 205 19.27 12.32 -29.54
C PRO E 205 18.06 12.75 -30.35
N VAL E 206 17.84 12.15 -31.52
CA VAL E 206 16.72 12.47 -32.39
C VAL E 206 15.73 11.31 -32.31
N SER E 207 14.45 11.65 -32.10
CA SER E 207 13.34 10.71 -31.99
C SER E 207 13.62 9.64 -30.92
N THR E 208 13.71 10.13 -29.68
CA THR E 208 14.04 9.27 -28.54
C THR E 208 12.97 8.19 -28.36
N SER E 209 13.44 6.95 -28.21
CA SER E 209 12.54 5.82 -28.05
C SER E 209 13.30 4.70 -27.36
N TYR E 210 12.56 3.90 -26.60
CA TYR E 210 13.15 2.79 -25.88
C TYR E 210 13.45 1.65 -26.86
N THR E 211 14.69 1.16 -26.86
CA THR E 211 15.03 0.02 -27.68
C THR E 211 14.58 -1.26 -26.97
N VAL E 212 14.74 -2.40 -27.64
CA VAL E 212 14.30 -3.66 -27.05
C VAL E 212 15.17 -4.04 -25.85
N GLU E 213 16.47 -3.78 -25.93
CA GLU E 213 17.38 -4.20 -24.87
C GLU E 213 17.16 -3.39 -23.61
N GLY E 214 16.95 -2.08 -23.76
CA GLY E 214 16.69 -1.25 -22.61
C GLY E 214 15.30 -1.45 -22.03
N ASN E 215 14.33 -1.76 -22.89
CA ASN E 215 12.97 -1.97 -22.39
C ASN E 215 12.84 -3.29 -21.66
N LEU E 216 13.53 -4.33 -22.13
CA LEU E 216 13.45 -5.62 -21.46
C LEU E 216 14.40 -5.70 -20.27
N LEU E 217 15.56 -5.04 -20.35
CA LEU E 217 16.58 -5.15 -19.32
C LEU E 217 16.59 -3.95 -18.36
N GLY E 218 16.79 -2.75 -18.90
CA GLY E 218 16.92 -1.57 -18.09
C GLY E 218 18.35 -1.08 -18.02
N HIS E 219 18.50 0.21 -17.69
CA HIS E 219 19.83 0.82 -17.66
C HIS E 219 20.65 0.43 -16.44
N ILE E 220 20.05 -0.23 -15.46
CA ILE E 220 20.82 -0.69 -14.30
C ILE E 220 21.59 -1.96 -14.65
N SER E 221 20.87 -2.97 -15.16
CA SER E 221 21.49 -4.28 -15.38
C SER E 221 22.45 -4.27 -16.57
N ILE E 222 22.19 -3.46 -17.59
CA ILE E 222 23.10 -3.39 -18.72
C ILE E 222 24.40 -2.69 -18.31
N MET E 223 24.31 -1.71 -17.41
CA MET E 223 25.49 -1.02 -16.94
C MET E 223 26.28 -1.87 -15.96
N VAL E 224 25.60 -2.70 -15.17
CA VAL E 224 26.29 -3.65 -14.29
C VAL E 224 27.14 -4.62 -15.10
N THR E 225 26.58 -5.22 -16.15
CA THR E 225 27.34 -6.19 -16.93
C THR E 225 28.42 -5.50 -17.76
N GLU E 226 28.18 -4.26 -18.22
CA GLU E 226 29.25 -3.51 -18.88
C GLU E 226 30.41 -3.22 -17.93
N LEU E 227 30.10 -2.87 -16.68
CA LEU E 227 31.14 -2.60 -15.70
C LEU E 227 31.93 -3.86 -15.39
N SER E 228 31.25 -5.01 -15.27
CA SER E 228 31.95 -6.26 -15.01
C SER E 228 32.82 -6.69 -16.19
N LYS E 229 32.33 -6.48 -17.42
CA LYS E 229 33.13 -6.77 -18.60
C LYS E 229 34.38 -5.89 -18.66
N ALA E 230 34.23 -4.61 -18.33
CA ALA E 230 35.38 -3.72 -18.31
C ALA E 230 36.38 -4.13 -17.23
N ALA E 231 35.89 -4.57 -16.08
CA ALA E 231 36.77 -5.05 -15.02
C ALA E 231 37.52 -6.31 -15.43
N GLU E 232 36.84 -7.22 -16.12
CA GLU E 232 37.50 -8.43 -16.60
C GLU E 232 38.53 -8.11 -17.68
N GLU E 233 38.25 -7.11 -18.51
CA GLU E 233 39.19 -6.78 -19.59
C GLU E 233 40.41 -6.05 -19.07
N LEU E 234 40.25 -5.17 -18.08
CA LEU E 234 41.37 -4.41 -17.54
C LEU E 234 42.16 -5.16 -16.47
N GLN E 235 41.86 -6.45 -16.25
CA GLN E 235 42.56 -7.30 -15.29
C GLN E 235 42.48 -6.74 -13.87
N ILE E 236 41.30 -6.26 -13.50
CA ILE E 236 41.04 -5.72 -12.18
C ILE E 236 40.01 -6.61 -11.49
N ASP E 237 40.38 -7.16 -10.34
CA ASP E 237 39.55 -8.12 -9.63
C ASP E 237 39.53 -7.78 -8.14
N SER E 238 39.30 -6.52 -7.81
CA SER E 238 39.29 -6.06 -6.44
C SER E 238 37.89 -5.61 -6.07
N GLU E 239 37.68 -5.33 -4.77
CA GLU E 239 36.35 -5.08 -4.23
C GLU E 239 35.74 -3.77 -4.73
N GLU E 240 36.56 -2.84 -5.23
CA GLU E 240 36.04 -1.58 -5.72
C GLU E 240 35.12 -1.78 -6.92
N VAL E 241 35.38 -2.81 -7.72
CA VAL E 241 34.48 -3.16 -8.83
C VAL E 241 33.10 -3.51 -8.29
N LEU E 242 33.05 -4.32 -7.24
CA LEU E 242 31.77 -4.75 -6.69
C LEU E 242 31.04 -3.59 -6.01
N ILE E 243 31.79 -2.69 -5.37
CA ILE E 243 31.15 -1.55 -4.72
C ILE E 243 30.59 -0.58 -5.76
N LEU E 244 31.32 -0.34 -6.86
CA LEU E 244 30.77 0.45 -7.96
C LEU E 244 29.57 -0.24 -8.58
N GLN E 245 29.61 -1.56 -8.65
CA GLN E 245 28.51 -2.33 -9.22
C GLN E 245 27.26 -2.20 -8.35
N HIS E 246 27.45 -2.12 -7.03
CA HIS E 246 26.34 -1.79 -6.13
C HIS E 246 25.85 -0.35 -6.33
N LEU E 247 26.77 0.59 -6.55
CA LEU E 247 26.35 1.98 -6.77
C LEU E 247 25.50 2.09 -8.03
N ILE E 248 25.86 1.34 -9.07
CA ILE E 248 25.04 1.26 -10.27
C ILE E 248 23.72 0.58 -9.95
N LEU E 249 23.75 -0.45 -9.10
CA LEU E 249 22.60 -1.32 -8.90
C LEU E 249 21.46 -0.61 -8.19
N SER E 250 21.77 0.20 -7.18
CA SER E 250 20.75 0.73 -6.28
C SER E 250 20.69 2.26 -6.27
N HIS E 251 20.89 2.91 -7.40
CA HIS E 251 20.83 4.37 -7.39
C HIS E 251 19.40 4.90 -7.45
N HIS E 252 18.41 4.04 -7.72
CA HIS E 252 17.02 4.50 -7.70
C HIS E 252 16.37 4.30 -6.34
N GLY E 253 17.05 3.68 -5.40
CA GLY E 253 16.67 3.73 -4.00
C GLY E 253 15.70 2.69 -3.49
N LYS E 254 14.66 2.40 -4.24
CA LYS E 254 13.61 1.51 -3.77
C LYS E 254 13.20 0.57 -4.88
N ALA E 255 12.55 -0.53 -4.49
CA ALA E 255 12.16 -1.55 -5.45
C ALA E 255 11.10 -1.03 -6.42
N GLU E 256 10.18 -0.20 -5.93
CA GLU E 256 9.09 0.28 -6.77
C GLU E 256 9.55 1.20 -7.89
N TRP E 257 10.73 1.79 -7.77
CA TRP E 257 11.27 2.68 -8.80
C TRP E 257 12.28 2.00 -9.71
N GLY E 258 12.66 0.75 -9.43
CA GLY E 258 13.53 0.03 -10.33
C GLY E 258 14.80 -0.54 -9.72
N SER E 259 15.02 -0.32 -8.42
CA SER E 259 16.23 -0.87 -7.82
C SER E 259 16.01 -2.32 -7.40
N PRO E 260 16.85 -3.24 -7.86
CA PRO E 260 16.74 -4.63 -7.38
C PRO E 260 16.98 -4.78 -5.89
N LYS E 261 17.89 -3.99 -5.33
CA LYS E 261 18.25 -4.07 -3.93
C LYS E 261 18.24 -2.69 -3.31
N PRO E 262 17.93 -2.58 -2.03
CA PRO E 262 18.06 -1.30 -1.33
C PRO E 262 19.51 -0.90 -1.21
N PRO E 263 19.80 0.40 -1.16
CA PRO E 263 21.19 0.84 -0.97
C PRO E 263 21.74 0.38 0.38
N MET E 264 23.00 -0.04 0.38
CA MET E 264 23.65 -0.53 1.59
C MET E 264 25.01 0.11 1.86
N VAL E 265 25.41 1.11 1.09
CA VAL E 265 26.65 1.85 1.32
C VAL E 265 26.28 3.32 1.42
N LYS E 266 27.09 4.09 2.16
CA LYS E 266 26.85 5.53 2.32
C LYS E 266 26.78 6.23 0.97
N GLU E 267 27.72 5.90 0.08
CA GLU E 267 27.78 6.51 -1.23
C GLU E 267 26.57 6.18 -2.08
N ALA E 268 25.92 5.05 -1.85
CA ALA E 268 24.71 4.72 -2.58
C ALA E 268 23.57 5.66 -2.20
N GLU E 269 23.42 5.94 -0.90
CA GLU E 269 22.38 6.88 -0.48
C GLU E 269 22.70 8.30 -0.93
N ILE E 270 23.99 8.68 -0.90
CA ILE E 270 24.40 9.97 -1.45
C ILE E 270 24.05 10.07 -2.93
N LEU E 271 24.33 9.01 -3.70
CA LEU E 271 24.02 9.00 -5.13
C LEU E 271 22.52 9.12 -5.38
N HIS E 272 21.73 8.37 -4.62
CA HIS E 272 20.28 8.41 -4.76
C HIS E 272 19.72 9.79 -4.46
N TYR E 273 20.19 10.41 -3.38
CA TYR E 273 19.65 11.73 -3.03
C TYR E 273 20.08 12.80 -4.01
N ILE E 274 21.31 12.72 -4.51
CA ILE E 274 21.74 13.72 -5.50
C ILE E 274 20.98 13.52 -6.80
N ASP E 275 20.71 12.27 -7.20
CA ASP E 275 19.94 12.03 -8.41
C ASP E 275 18.53 12.60 -8.30
N ASN E 276 17.86 12.33 -7.18
CA ASN E 276 16.52 12.87 -6.99
C ASN E 276 16.53 14.39 -6.98
N LEU E 277 17.48 15.00 -6.26
CA LEU E 277 17.48 16.44 -6.13
C LEU E 277 17.78 17.12 -7.46
N ASP E 278 18.75 16.59 -8.23
CA ASP E 278 19.11 17.20 -9.51
C ASP E 278 17.99 17.06 -10.53
N ALA E 279 17.46 15.85 -10.70
CA ALA E 279 16.41 15.65 -11.70
C ALA E 279 15.16 16.43 -11.33
N LYS E 280 14.79 16.42 -10.04
CA LYS E 280 13.61 17.12 -9.58
C LYS E 280 13.77 18.62 -9.74
N MET E 281 14.95 19.17 -9.43
CA MET E 281 15.17 20.60 -9.62
C MET E 281 15.16 21.01 -11.08
N ASN E 282 15.69 20.17 -11.97
CA ASN E 282 15.64 20.55 -13.38
C ASN E 282 14.21 20.54 -13.92
N MET E 283 13.44 19.49 -13.63
CA MET E 283 12.05 19.47 -14.11
C MET E 283 11.22 20.53 -13.40
N MET E 284 11.58 20.88 -12.17
CA MET E 284 10.82 21.80 -11.35
C MET E 284 11.12 23.25 -11.69
N ASP E 285 12.33 23.53 -12.18
CA ASP E 285 12.63 24.84 -12.75
C ASP E 285 12.04 24.97 -14.14
N ARG E 286 12.00 23.87 -14.91
CA ARG E 286 11.33 23.92 -16.20
C ARG E 286 9.82 24.13 -16.05
N ALA E 287 9.23 23.61 -14.97
CA ALA E 287 7.80 23.78 -14.76
C ALA E 287 7.44 25.20 -14.36
N LEU E 288 8.36 25.89 -13.67
CA LEU E 288 8.05 27.20 -13.11
C LEU E 288 8.47 28.36 -14.02
N GLU E 289 8.97 28.07 -15.23
CA GLU E 289 9.51 29.12 -16.08
C GLU E 289 8.42 30.04 -16.62
N ARG E 290 7.35 29.46 -17.16
CA ARG E 290 6.34 30.22 -17.89
C ARG E 290 5.16 30.63 -17.01
N VAL E 291 5.40 30.86 -15.73
CA VAL E 291 4.34 31.16 -14.77
C VAL E 291 4.57 32.54 -14.18
N LYS E 292 3.57 33.41 -14.31
CA LYS E 292 3.58 34.72 -13.69
C LYS E 292 3.60 34.57 -12.17
N PRO E 293 4.33 35.44 -11.46
CA PRO E 293 4.28 35.38 -10.00
C PRO E 293 2.88 35.64 -9.46
N GLY E 294 2.52 34.90 -8.42
CA GLY E 294 1.16 34.87 -7.93
C GLY E 294 0.26 33.88 -8.63
N GLU E 295 0.80 33.06 -9.52
CA GLU E 295 0.03 32.08 -10.27
C GLU E 295 0.62 30.70 -10.03
N TYR E 296 -0.22 29.69 -10.13
CA TYR E 296 0.18 28.31 -9.99
C TYR E 296 0.79 27.80 -11.30
N THR E 297 1.33 26.59 -11.24
CA THR E 297 1.99 25.96 -12.38
C THR E 297 1.15 24.80 -12.89
N GLU E 298 1.56 24.26 -14.04
CA GLU E 298 0.83 23.14 -14.62
C GLU E 298 1.07 21.87 -13.80
N ARG E 299 0.09 20.98 -13.85
CA ARG E 299 0.13 19.77 -13.04
C ARG E 299 1.12 18.78 -13.65
N VAL E 300 2.29 18.66 -13.02
CA VAL E 300 3.35 17.79 -13.50
C VAL E 300 3.11 16.38 -12.99
N PHE E 301 3.61 15.38 -13.73
CA PHE E 301 3.26 14.00 -13.43
C PHE E 301 4.30 13.32 -12.54
N ALA E 302 5.59 13.51 -12.81
CA ALA E 302 6.61 12.74 -12.10
C ALA E 302 6.93 13.30 -10.73
N LEU E 303 6.28 14.38 -10.31
CA LEU E 303 6.43 14.95 -8.98
C LEU E 303 5.29 14.52 -8.05
N GLU E 304 4.83 13.27 -8.21
CA GLU E 304 3.70 12.72 -7.47
C GLU E 304 2.43 13.54 -7.69
N ASN E 305 2.25 14.03 -8.92
CA ASN E 305 0.99 14.63 -9.39
C ASN E 305 0.64 15.88 -8.59
N ARG E 306 1.57 16.83 -8.53
CA ARG E 306 1.42 18.03 -7.72
C ARG E 306 1.43 19.28 -8.58
N SER E 307 0.88 20.35 -8.01
CA SER E 307 0.89 21.67 -8.61
C SER E 307 1.67 22.62 -7.71
N PHE E 308 2.46 23.48 -8.31
CA PHE E 308 3.43 24.30 -7.57
C PHE E 308 3.04 25.76 -7.65
N TYR E 309 3.38 26.51 -6.61
CA TYR E 309 3.03 27.92 -6.50
C TYR E 309 4.28 28.78 -6.60
N LYS E 310 4.25 29.77 -7.48
CA LYS E 310 5.30 30.77 -7.54
C LYS E 310 4.88 31.96 -6.69
N PRO E 311 5.62 32.31 -5.64
CA PRO E 311 5.22 33.44 -4.80
C PRO E 311 5.34 34.76 -5.52
N THR E 312 4.60 35.75 -5.01
CA THR E 312 4.52 37.05 -5.66
C THR E 312 5.84 37.82 -5.63
N PHE E 313 6.75 37.46 -4.73
CA PHE E 313 7.97 38.23 -4.52
C PHE E 313 9.17 37.69 -5.29
N HIS E 314 8.98 36.68 -6.13
CA HIS E 314 10.07 36.15 -6.97
C HIS E 314 10.01 36.86 -8.32
N LYS E 315 11.00 37.73 -8.57
CA LYS E 315 11.04 38.50 -9.80
C LYS E 315 11.86 37.80 -10.88
N GLU F 104 27.36 12.90 26.16
CA GLU F 104 27.84 13.20 24.82
C GLU F 104 27.35 14.58 24.38
N THR F 105 28.28 15.42 23.92
CA THR F 105 27.98 16.76 23.46
C THR F 105 28.27 16.89 21.97
N ALA F 106 27.87 18.02 21.41
CA ALA F 106 28.16 18.31 20.02
C ALA F 106 29.65 18.53 19.82
N PRO F 107 30.20 18.13 18.66
CA PRO F 107 31.65 18.33 18.43
C PRO F 107 32.07 19.78 18.41
N ILE F 108 31.21 20.68 17.97
CA ILE F 108 31.49 22.12 17.96
C ILE F 108 30.84 22.72 19.21
N PRO F 109 31.55 23.51 20.01
CA PRO F 109 30.94 24.15 21.16
C PRO F 109 29.89 25.18 20.76
N LYS F 110 29.02 25.50 21.73
CA LYS F 110 27.68 26.00 21.43
C LYS F 110 27.69 27.45 20.97
N ASN F 111 28.53 28.30 21.56
CA ASN F 111 28.46 29.72 21.22
C ASN F 111 29.02 30.02 19.84
N GLU F 112 29.90 29.16 19.29
CA GLU F 112 30.26 29.29 17.89
C GLU F 112 29.08 28.96 16.98
N MET F 113 28.27 27.96 17.36
CA MET F 113 27.06 27.67 16.59
C MET F 113 26.10 28.85 16.62
N MET F 114 25.92 29.46 17.80
CA MET F 114 25.06 30.64 17.89
C MET F 114 25.62 31.79 17.06
N ASP F 115 26.93 31.97 17.07
CA ASP F 115 27.55 33.04 16.29
C ASP F 115 27.37 32.82 14.79
N THR F 116 27.51 31.58 14.33
CA THR F 116 27.33 31.32 12.90
C THR F 116 25.86 31.49 12.49
N ILE F 117 24.93 31.08 13.35
CA ILE F 117 23.52 31.27 13.03
C ILE F 117 23.17 32.76 12.97
N THR F 118 23.66 33.55 13.93
CA THR F 118 23.42 35.00 13.86
C THR F 118 24.11 35.65 12.67
N GLN F 119 25.27 35.13 12.26
CA GLN F 119 25.91 35.61 11.04
C GLN F 119 25.03 35.36 9.82
N TYR F 120 24.44 34.16 9.74
CA TYR F 120 23.54 33.88 8.62
C TYR F 120 22.25 34.69 8.71
N ILE F 121 21.84 35.10 9.92
CA ILE F 121 20.75 36.07 10.04
C ILE F 121 21.16 37.40 9.44
N PHE F 122 22.37 37.86 9.77
CA PHE F 122 22.85 39.14 9.26
C PHE F 122 23.04 39.12 7.76
N GLU F 123 23.33 37.96 7.17
CA GLU F 123 23.47 37.85 5.73
C GLU F 123 22.14 37.98 4.99
N MET F 124 21.01 37.93 5.68
CA MET F 124 19.73 37.96 5.00
C MET F 124 19.42 39.33 4.43
N LYS F 125 18.70 39.35 3.32
CA LYS F 125 18.38 40.58 2.61
C LYS F 125 16.92 40.99 2.75
N ASN F 126 16.02 40.04 2.89
CA ASN F 126 14.59 40.34 3.01
C ASN F 126 14.31 40.83 4.42
N PRO F 127 13.76 42.03 4.61
CA PRO F 127 13.58 42.56 5.97
C PRO F 127 12.57 41.79 6.81
N ASN F 128 11.45 41.37 6.22
CA ASN F 128 10.42 40.67 6.99
C ASN F 128 10.91 39.30 7.45
N ILE F 129 11.55 38.55 6.54
CA ILE F 129 12.10 37.24 6.88
C ILE F 129 13.14 37.38 7.97
N GLN F 130 14.05 38.33 7.83
CA GLN F 130 15.12 38.53 8.80
C GLN F 130 14.55 38.92 10.16
N ARG F 131 13.56 39.79 10.17
CA ARG F 131 12.97 40.24 11.44
C ARG F 131 12.26 39.10 12.16
N ILE F 132 11.42 38.34 11.43
CA ILE F 132 10.68 37.26 12.06
C ILE F 132 11.63 36.16 12.55
N THR F 133 12.61 35.79 11.72
CA THR F 133 13.54 34.74 12.09
C THR F 133 14.39 35.16 13.29
N ARG F 134 14.84 36.42 13.33
CA ARG F 134 15.59 36.89 14.48
C ARG F 134 14.75 36.92 15.74
N PHE F 135 13.46 37.29 15.63
CA PHE F 135 12.59 37.27 16.80
C PHE F 135 12.43 35.86 17.36
N LEU F 136 12.11 34.89 16.49
CA LEU F 136 11.86 33.54 17.00
C LEU F 136 13.15 32.85 17.42
N VAL F 137 14.31 33.27 16.90
CA VAL F 137 15.57 32.76 17.41
C VAL F 137 15.87 33.36 18.78
N LYS F 138 15.66 34.67 18.93
CA LYS F 138 16.03 35.35 20.16
C LYS F 138 15.15 34.94 21.33
N LYS F 139 13.84 34.78 21.09
CA LYS F 139 12.95 34.50 22.21
C LYS F 139 13.06 33.04 22.65
N HIS F 140 13.35 32.13 21.72
CA HIS F 140 13.52 30.71 22.03
C HIS F 140 14.99 30.30 22.13
N GLU F 141 15.85 31.23 22.58
CA GLU F 141 17.29 31.06 22.40
C GLU F 141 17.85 29.90 23.22
N ALA F 142 17.54 29.86 24.51
CA ALA F 142 18.17 28.88 25.40
C ALA F 142 17.73 27.46 25.05
N GLU F 143 16.45 27.26 24.79
CA GLU F 143 15.96 25.93 24.46
C GLU F 143 16.41 25.50 23.07
N PHE F 144 16.57 26.45 22.15
CA PHE F 144 17.14 26.13 20.84
C PHE F 144 18.59 25.70 20.97
N MET F 145 19.32 26.31 21.91
CA MET F 145 20.73 26.03 22.11
C MET F 145 20.98 24.79 22.98
N ASP F 146 19.96 24.31 23.70
CA ASP F 146 20.14 23.18 24.61
C ASP F 146 19.45 21.90 24.17
N TYR F 147 18.19 21.98 23.70
CA TYR F 147 17.36 20.80 23.51
C TYR F 147 17.83 19.95 22.34
N PRO F 148 17.58 18.64 22.37
CA PRO F 148 17.89 17.79 21.22
C PRO F 148 16.83 17.92 20.14
N ALA F 149 17.08 17.24 19.02
CA ALA F 149 16.25 17.36 17.83
C ALA F 149 15.40 16.12 17.57
N ALA F 150 15.41 15.14 18.47
CA ALA F 150 14.54 13.97 18.40
C ALA F 150 14.64 13.24 19.74
N THR F 151 13.98 12.09 19.81
CA THR F 151 14.10 11.22 20.97
C THR F 151 14.99 10.02 20.71
N LYS F 152 14.91 9.42 19.52
CA LYS F 152 15.71 8.25 19.20
C LYS F 152 16.19 8.33 17.76
N ASN F 153 17.27 7.57 17.49
CA ASN F 153 17.82 7.23 16.18
C ASN F 153 18.52 8.37 15.45
N HIS F 154 18.41 9.60 15.93
CA HIS F 154 19.14 10.74 15.36
C HIS F 154 19.08 11.94 16.29
N HIS F 155 20.20 12.63 16.47
CA HIS F 155 20.30 13.90 17.20
C HIS F 155 19.73 13.79 18.62
N GLU F 156 20.03 12.69 19.30
CA GLU F 156 19.52 12.45 20.64
C GLU F 156 20.45 13.01 21.72
N PHE F 157 21.51 13.70 21.33
CA PHE F 157 22.47 14.26 22.28
C PHE F 157 22.14 15.71 22.58
N VAL F 158 22.80 16.24 23.62
CA VAL F 158 22.58 17.62 24.02
C VAL F 158 23.14 18.56 22.95
N SER F 159 22.45 19.70 22.76
CA SER F 159 22.72 20.68 21.70
C SER F 159 22.80 20.03 20.32
N GLY F 160 22.00 18.98 20.10
CA GLY F 160 21.95 18.35 18.80
C GLY F 160 21.10 19.13 17.81
N LEU F 161 20.12 19.88 18.31
CA LEU F 161 19.33 20.75 17.44
C LEU F 161 20.21 21.82 16.81
N ALA F 162 21.13 22.39 17.58
CA ALA F 162 22.00 23.43 17.04
C ALA F 162 22.92 22.87 15.96
N TYR F 163 23.50 21.69 16.18
CA TYR F 163 24.35 21.08 15.17
C TYR F 163 23.57 20.73 13.92
N HIS F 164 22.34 20.21 14.10
CA HIS F 164 21.45 19.92 12.98
C HIS F 164 21.18 21.17 12.15
N VAL F 165 20.86 22.28 12.83
CA VAL F 165 20.57 23.54 12.14
C VAL F 165 21.80 24.06 11.41
N VAL F 166 22.97 24.07 12.05
CA VAL F 166 24.16 24.60 11.40
C VAL F 166 24.58 23.76 10.20
N SER F 167 24.51 22.43 10.32
CA SER F 167 24.85 21.56 9.20
C SER F 167 23.89 21.77 8.03
N MET F 168 22.59 21.92 8.33
CA MET F 168 21.64 22.15 7.25
C MET F 168 21.82 23.53 6.61
N LEU F 169 22.18 24.56 7.39
CA LEU F 169 22.52 25.85 6.78
C LEU F 169 23.73 25.74 5.86
N ASN F 170 24.76 25.01 6.26
CA ASN F 170 25.94 24.88 5.40
C ASN F 170 25.58 24.17 4.10
N LEU F 171 24.79 23.10 4.18
CA LEU F 171 24.45 22.36 2.98
C LEU F 171 23.45 23.13 2.12
N ALA F 172 22.59 23.95 2.75
CA ALA F 172 21.71 24.83 2.00
C ALA F 172 22.50 25.92 1.29
N LYS F 173 23.56 26.43 1.93
CA LYS F 173 24.44 27.38 1.26
C LYS F 173 25.09 26.76 0.03
N ALA F 174 25.52 25.50 0.15
CA ALA F 174 26.11 24.81 -1.00
C ALA F 174 25.10 24.66 -2.15
N ILE F 175 23.90 24.16 -1.84
CA ILE F 175 22.89 23.96 -2.89
C ILE F 175 22.47 25.29 -3.51
N ALA F 176 22.30 26.33 -2.69
CA ALA F 176 21.87 27.61 -3.22
C ALA F 176 22.96 28.30 -4.03
N ASP F 177 24.23 28.10 -3.68
CA ASP F 177 25.31 28.61 -4.52
C ASP F 177 25.35 27.90 -5.86
N LEU F 178 25.11 26.59 -5.87
CA LEU F 178 25.14 25.86 -7.14
C LEU F 178 23.91 26.12 -8.01
N TYR F 179 22.74 26.35 -7.40
CA TYR F 179 21.49 26.60 -8.12
C TYR F 179 21.03 28.01 -7.82
N PRO F 180 21.25 28.98 -8.71
CA PRO F 180 20.88 30.36 -8.40
C PRO F 180 19.38 30.62 -8.37
N SER F 181 18.55 29.67 -8.84
CA SER F 181 17.11 29.91 -8.91
C SER F 181 16.45 29.97 -7.55
N LEU F 182 16.99 29.27 -6.55
CA LEU F 182 16.37 29.24 -5.24
C LEU F 182 16.55 30.57 -4.53
N ASP F 183 15.63 30.86 -3.60
CA ASP F 183 15.74 32.05 -2.76
C ASP F 183 16.53 31.68 -1.52
N ARG F 184 17.65 32.38 -1.30
CA ARG F 184 18.51 32.10 -0.18
C ARG F 184 17.83 32.39 1.15
N ASP F 185 17.10 33.51 1.22
CA ASP F 185 16.59 34.00 2.50
C ASP F 185 15.48 33.10 3.01
N LEU F 186 14.53 32.77 2.14
CA LEU F 186 13.42 31.90 2.49
C LEU F 186 13.92 30.51 2.88
N LEU F 187 14.91 30.01 2.14
CA LEU F 187 15.50 28.71 2.46
C LEU F 187 16.16 28.72 3.83
N TYR F 188 16.93 29.76 4.12
CA TYR F 188 17.62 29.84 5.41
C TYR F 188 16.63 29.91 6.56
N ALA F 189 15.57 30.71 6.41
CA ALA F 189 14.56 30.79 7.47
C ALA F 189 13.84 29.46 7.65
N GLY F 190 13.51 28.78 6.54
CA GLY F 190 12.90 27.47 6.64
C GLY F 190 13.79 26.44 7.30
N VAL F 191 15.10 26.55 7.09
CA VAL F 191 16.03 25.65 7.75
C VAL F 191 16.09 25.93 9.25
N ILE F 192 16.10 27.21 9.63
CA ILE F 192 16.23 27.53 11.04
C ILE F 192 14.96 27.17 11.81
N LEU F 193 13.79 27.43 11.24
CA LEU F 193 12.53 27.37 11.98
C LEU F 193 11.79 26.04 11.89
N HIS F 194 12.29 25.04 11.18
CA HIS F 194 11.45 23.87 10.93
C HIS F 194 11.41 22.90 12.11
N ASP F 195 12.53 22.71 12.81
CA ASP F 195 12.52 21.92 14.04
C ASP F 195 12.64 22.79 15.29
N LEU F 196 12.15 24.02 15.22
CA LEU F 196 12.13 24.85 16.42
C LEU F 196 11.09 24.35 17.42
N GLY F 197 10.01 23.75 16.92
CA GLY F 197 8.90 23.32 17.77
C GLY F 197 9.27 22.27 18.79
N LYS F 198 10.36 21.55 18.58
CA LYS F 198 10.82 20.57 19.55
C LYS F 198 11.41 21.21 20.81
N VAL F 199 11.49 22.54 20.88
CA VAL F 199 11.78 23.15 22.16
C VAL F 199 10.56 23.10 23.08
N LYS F 200 9.36 22.89 22.54
CA LYS F 200 8.18 22.68 23.35
C LYS F 200 7.56 21.30 23.19
N GLU F 201 7.96 20.54 22.16
CA GLU F 201 7.52 19.15 22.06
C GLU F 201 8.26 18.27 23.06
N LEU F 202 9.56 18.48 23.21
CA LEU F 202 10.38 17.66 24.08
C LEU F 202 10.46 18.28 25.48
N SER F 203 10.84 17.46 26.46
CA SER F 203 10.83 17.90 27.84
C SER F 203 12.09 18.68 28.20
N GLY F 204 13.24 18.25 27.70
CA GLY F 204 14.49 18.91 28.00
C GLY F 204 15.69 18.09 27.56
N PRO F 205 16.90 18.63 27.74
CA PRO F 205 18.10 17.87 27.40
C PRO F 205 18.32 16.64 28.27
N VAL F 206 17.76 16.64 29.48
CA VAL F 206 17.88 15.52 30.41
C VAL F 206 16.54 14.81 30.47
N SER F 207 16.57 13.48 30.35
CA SER F 207 15.40 12.60 30.35
C SER F 207 14.37 13.06 29.32
N THR F 208 14.80 12.93 28.05
CA THR F 208 13.97 13.36 26.93
C THR F 208 12.67 12.57 26.87
N SER F 209 11.56 13.28 26.76
CA SER F 209 10.25 12.66 26.70
C SER F 209 9.29 13.60 26.01
N TYR F 210 8.32 13.03 25.31
CA TYR F 210 7.29 13.82 24.64
C TYR F 210 6.33 14.36 25.68
N THR F 211 6.08 15.67 25.64
CA THR F 211 5.09 16.26 26.52
C THR F 211 3.70 16.06 25.92
N VAL F 212 2.67 16.50 26.64
CA VAL F 212 1.30 16.33 26.16
C VAL F 212 1.05 17.17 24.90
N GLU F 213 1.57 18.39 24.88
CA GLU F 213 1.34 19.27 23.73
C GLU F 213 2.05 18.75 22.49
N GLY F 214 3.29 18.30 22.64
CA GLY F 214 4.02 17.77 21.49
C GLY F 214 3.45 16.47 20.97
N ASN F 215 2.99 15.60 21.89
CA ASN F 215 2.44 14.32 21.47
C ASN F 215 1.09 14.50 20.80
N LEU F 216 0.24 15.36 21.36
CA LEU F 216 -1.09 15.56 20.76
C LEU F 216 -1.03 16.38 19.48
N LEU F 217 -0.23 17.44 19.44
CA LEU F 217 -0.21 18.34 18.29
C LEU F 217 0.91 18.02 17.31
N GLY F 218 2.16 18.07 17.78
CA GLY F 218 3.30 17.87 16.91
C GLY F 218 4.09 19.16 16.71
N HIS F 219 5.33 19.00 16.23
CA HIS F 219 6.23 20.13 16.09
C HIS F 219 5.94 21.00 14.87
N ILE F 220 5.06 20.56 13.98
CA ILE F 220 4.70 21.35 12.81
C ILE F 220 3.62 22.36 13.15
N SER F 221 2.49 21.87 13.66
CA SER F 221 1.34 22.73 13.95
C SER F 221 1.60 23.69 15.09
N ILE F 222 2.60 23.42 15.94
CA ILE F 222 2.92 24.36 17.00
C ILE F 222 3.74 25.54 16.44
N MET F 223 4.63 25.28 15.48
CA MET F 223 5.39 26.37 14.88
C MET F 223 4.60 27.16 13.86
N VAL F 224 3.59 26.57 13.22
CA VAL F 224 2.70 27.38 12.39
C VAL F 224 2.02 28.45 13.26
N THR F 225 1.50 28.03 14.42
CA THR F 225 0.85 28.96 15.34
C THR F 225 1.84 29.98 15.89
N GLU F 226 3.04 29.52 16.26
CA GLU F 226 4.06 30.42 16.80
C GLU F 226 4.48 31.46 15.77
N LEU F 227 4.64 31.04 14.52
CA LEU F 227 5.02 31.94 13.44
C LEU F 227 3.93 32.97 13.18
N SER F 228 2.66 32.54 13.22
CA SER F 228 1.58 33.49 13.02
C SER F 228 1.47 34.48 14.17
N LYS F 229 1.71 34.02 15.41
CA LYS F 229 1.72 34.95 16.54
C LYS F 229 2.85 35.96 16.43
N ALA F 230 4.03 35.52 15.99
CA ALA F 230 5.14 36.45 15.79
C ALA F 230 4.81 37.47 14.69
N ALA F 231 4.17 37.01 13.62
CA ALA F 231 3.77 37.92 12.55
C ALA F 231 2.75 38.94 13.03
N GLU F 232 1.79 38.51 13.85
CA GLU F 232 0.79 39.44 14.36
C GLU F 232 1.41 40.42 15.35
N GLU F 233 2.40 39.99 16.12
CA GLU F 233 3.01 40.87 17.11
C GLU F 233 3.93 41.90 16.47
N LEU F 234 4.66 41.51 15.43
CA LEU F 234 5.58 42.44 14.77
C LEU F 234 4.92 43.24 13.64
N GLN F 235 3.60 43.15 13.49
CA GLN F 235 2.82 43.95 12.55
C GLN F 235 3.28 43.72 11.10
N ILE F 236 3.50 42.46 10.75
CA ILE F 236 3.86 42.05 9.41
C ILE F 236 2.75 41.16 8.86
N ASP F 237 2.21 41.55 7.70
CA ASP F 237 1.08 40.84 7.10
C ASP F 237 1.37 40.62 5.62
N SER F 238 2.56 40.11 5.32
CA SER F 238 3.02 39.88 3.96
C SER F 238 2.94 38.38 3.65
N GLU F 239 3.07 38.05 2.36
CA GLU F 239 3.02 36.66 1.93
C GLU F 239 4.26 35.89 2.36
N GLU F 240 5.31 36.59 2.81
CA GLU F 240 6.48 35.93 3.37
C GLU F 240 6.12 35.03 4.54
N VAL F 241 5.21 35.49 5.39
CA VAL F 241 4.77 34.72 6.55
C VAL F 241 4.10 33.43 6.10
N LEU F 242 3.21 33.54 5.10
CA LEU F 242 2.45 32.37 4.66
C LEU F 242 3.36 31.35 3.98
N ILE F 243 4.36 31.82 3.22
CA ILE F 243 5.29 30.88 2.60
C ILE F 243 6.15 30.21 3.65
N LEU F 244 6.54 30.93 4.72
CA LEU F 244 7.25 30.27 5.81
C LEU F 244 6.37 29.27 6.54
N GLN F 245 5.08 29.57 6.68
CA GLN F 245 4.15 28.60 7.25
C GLN F 245 4.09 27.35 6.40
N HIS F 246 4.15 27.50 5.08
CA HIS F 246 4.23 26.31 4.23
C HIS F 246 5.54 25.56 4.39
N LEU F 247 6.66 26.27 4.53
CA LEU F 247 7.95 25.62 4.68
C LEU F 247 8.00 24.79 5.95
N ILE F 248 7.52 25.36 7.06
CA ILE F 248 7.44 24.60 8.30
C ILE F 248 6.37 23.53 8.22
N LEU F 249 5.33 23.75 7.41
CA LEU F 249 4.20 22.84 7.37
C LEU F 249 4.55 21.51 6.71
N SER F 250 5.30 21.55 5.62
CA SER F 250 5.52 20.38 4.77
C SER F 250 6.98 19.97 4.68
N HIS F 251 7.77 20.17 5.74
CA HIS F 251 9.17 19.81 5.67
C HIS F 251 9.41 18.31 5.84
N HIS F 252 8.44 17.56 6.36
CA HIS F 252 8.59 16.12 6.42
C HIS F 252 8.25 15.45 5.09
N GLY F 253 7.67 16.18 4.15
CA GLY F 253 7.62 15.75 2.77
C GLY F 253 6.38 14.98 2.33
N LYS F 254 5.92 14.03 3.14
CA LYS F 254 4.81 13.18 2.75
C LYS F 254 3.86 13.03 3.93
N ALA F 255 2.62 12.66 3.60
CA ALA F 255 1.57 12.57 4.62
C ALA F 255 1.88 11.49 5.64
N GLU F 256 2.39 10.35 5.20
CA GLU F 256 2.64 9.22 6.09
C GLU F 256 3.72 9.52 7.14
N TRP F 257 4.59 10.49 6.88
CA TRP F 257 5.62 10.86 7.85
C TRP F 257 5.23 12.02 8.73
N GLY F 258 4.06 12.64 8.50
CA GLY F 258 3.59 13.68 9.39
C GLY F 258 3.26 15.01 8.73
N SER F 259 3.37 15.08 7.41
CA SER F 259 3.09 16.34 6.73
C SER F 259 1.59 16.50 6.49
N PRO F 260 0.99 17.60 6.95
CA PRO F 260 -0.43 17.84 6.61
C PRO F 260 -0.68 17.99 5.12
N LYS F 261 0.24 18.61 4.40
CA LYS F 261 0.12 18.87 2.98
C LYS F 261 1.41 18.52 2.26
N PRO F 262 1.33 18.09 1.01
CA PRO F 262 2.55 17.92 0.20
C PRO F 262 3.19 19.26 -0.08
N PRO F 263 4.52 19.29 -0.23
CA PRO F 263 5.19 20.56 -0.54
C PRO F 263 4.79 21.09 -1.91
N MET F 264 4.70 22.43 -2.00
CA MET F 264 4.25 23.09 -3.20
C MET F 264 5.14 24.24 -3.66
N VAL F 265 6.19 24.56 -2.90
CA VAL F 265 7.13 25.62 -3.25
C VAL F 265 8.51 24.98 -3.32
N LYS F 266 9.41 25.60 -4.09
CA LYS F 266 10.73 25.01 -4.35
C LYS F 266 11.52 24.80 -3.06
N GLU F 267 11.57 25.81 -2.21
CA GLU F 267 12.31 25.73 -0.97
C GLU F 267 11.70 24.71 -0.02
N ALA F 268 10.43 24.36 -0.19
CA ALA F 268 9.85 23.30 0.62
C ALA F 268 10.44 21.95 0.28
N GLU F 269 10.58 21.64 -1.01
CA GLU F 269 11.21 20.39 -1.41
C GLU F 269 12.68 20.36 -1.05
N ILE F 270 13.37 21.50 -1.18
CA ILE F 270 14.77 21.55 -0.75
C ILE F 270 14.89 21.37 0.76
N LEU F 271 13.95 21.93 1.53
CA LEU F 271 13.91 21.70 2.97
C LEU F 271 13.74 20.22 3.28
N HIS F 272 12.81 19.56 2.57
CA HIS F 272 12.57 18.14 2.75
C HIS F 272 13.84 17.33 2.50
N TYR F 273 14.50 17.58 1.37
CA TYR F 273 15.65 16.76 0.99
C TYR F 273 16.85 17.03 1.88
N ILE F 274 17.05 18.29 2.28
CA ILE F 274 18.17 18.63 3.15
C ILE F 274 17.97 18.01 4.53
N ASP F 275 16.74 18.06 5.06
CA ASP F 275 16.45 17.44 6.35
C ASP F 275 16.69 15.94 6.28
N ASN F 276 16.22 15.29 5.20
CA ASN F 276 16.45 13.86 5.02
C ASN F 276 17.94 13.54 5.00
N LEU F 277 18.70 14.29 4.20
CA LEU F 277 20.10 13.95 3.99
C LEU F 277 20.90 14.17 5.27
N ASP F 278 20.64 15.26 5.99
CA ASP F 278 21.41 15.53 7.20
C ASP F 278 21.10 14.51 8.29
N ALA F 279 19.81 14.24 8.55
CA ALA F 279 19.46 13.27 9.58
C ALA F 279 19.95 11.87 9.21
N LYS F 280 19.81 11.50 7.93
CA LYS F 280 20.21 10.18 7.49
C LYS F 280 21.71 9.98 7.60
N MET F 281 22.52 10.97 7.21
CA MET F 281 23.95 10.75 7.24
C MET F 281 24.51 10.86 8.64
N ASN F 282 23.85 11.63 9.52
CA ASN F 282 24.22 11.55 10.93
C ASN F 282 23.95 10.17 11.51
N MET F 283 22.75 9.60 11.27
CA MET F 283 22.47 8.30 11.85
C MET F 283 23.33 7.20 11.20
N MET F 284 23.66 7.36 9.93
CA MET F 284 24.48 6.39 9.23
C MET F 284 25.94 6.45 9.65
N ASP F 285 26.46 7.65 9.98
CA ASP F 285 27.80 7.74 10.53
C ASP F 285 27.86 7.22 11.96
N ARG F 286 26.79 7.44 12.74
CA ARG F 286 26.75 6.86 14.08
C ARG F 286 26.66 5.34 14.02
N ALA F 287 26.03 4.78 12.98
CA ALA F 287 25.93 3.33 12.88
C ALA F 287 27.27 2.68 12.53
N LEU F 288 28.05 3.30 11.65
CA LEU F 288 29.26 2.68 11.10
C LEU F 288 30.52 3.04 11.87
N GLU F 289 30.41 3.67 13.04
CA GLU F 289 31.61 4.01 13.80
C GLU F 289 32.31 2.77 14.36
N ARG F 290 31.55 1.86 14.97
CA ARG F 290 32.12 0.73 15.68
C ARG F 290 32.17 -0.54 14.85
N VAL F 291 32.30 -0.41 13.53
CA VAL F 291 32.29 -1.57 12.63
C VAL F 291 33.65 -1.66 11.96
N LYS F 292 34.28 -2.82 12.07
CA LYS F 292 35.53 -3.09 11.37
C LYS F 292 35.30 -3.12 9.86
N PRO F 293 36.30 -2.78 9.06
CA PRO F 293 36.15 -2.90 7.60
C PRO F 293 35.95 -4.34 7.18
N GLY F 294 35.08 -4.52 6.18
CA GLY F 294 34.68 -5.85 5.77
C GLY F 294 33.57 -6.46 6.60
N GLU F 295 32.99 -5.70 7.52
CA GLU F 295 31.94 -6.19 8.40
C GLU F 295 30.71 -5.32 8.22
N TYR F 296 29.55 -5.91 8.49
CA TYR F 296 28.28 -5.21 8.41
C TYR F 296 28.00 -4.46 9.71
N THR F 297 27.02 -3.57 9.67
CA THR F 297 26.63 -2.79 10.84
C THR F 297 25.34 -3.33 11.43
N GLU F 298 24.98 -2.80 12.60
CA GLU F 298 23.76 -3.20 13.26
C GLU F 298 22.54 -2.78 12.45
N ARG F 299 21.49 -3.59 12.56
CA ARG F 299 20.26 -3.37 11.79
C ARG F 299 19.53 -2.17 12.37
N VAL F 300 19.60 -1.03 11.68
CA VAL F 300 19.03 0.22 12.15
C VAL F 300 17.56 0.28 11.77
N PHE F 301 16.76 0.97 12.59
CA PHE F 301 15.31 0.98 12.39
C PHE F 301 14.85 2.16 11.55
N ALA F 302 15.48 3.33 11.70
CA ALA F 302 15.01 4.53 11.03
C ALA F 302 15.30 4.53 9.53
N LEU F 303 16.07 3.56 9.04
CA LEU F 303 16.50 3.50 7.63
C LEU F 303 15.82 2.37 6.89
N GLU F 304 14.52 2.18 7.13
CA GLU F 304 13.70 1.13 6.51
C GLU F 304 14.26 -0.27 6.77
N ASN F 305 14.78 -0.47 7.99
CA ASN F 305 15.13 -1.80 8.51
C ASN F 305 16.22 -2.47 7.67
N ARG F 306 17.30 -1.74 7.44
CA ARG F 306 18.37 -2.19 6.56
C ARG F 306 19.68 -2.34 7.31
N SER F 307 20.66 -2.93 6.62
CA SER F 307 22.02 -3.09 7.12
C SER F 307 22.98 -2.48 6.12
N PHE F 308 24.15 -2.07 6.61
CA PHE F 308 25.13 -1.37 5.80
C PHE F 308 26.48 -2.09 5.83
N TYR F 309 27.17 -2.07 4.70
CA TYR F 309 28.45 -2.74 4.55
C TYR F 309 29.57 -1.72 4.48
N LYS F 310 30.54 -1.83 5.36
CA LYS F 310 31.73 -1.00 5.30
C LYS F 310 32.73 -1.65 4.36
N PRO F 311 33.15 -0.98 3.29
CA PRO F 311 34.11 -1.57 2.36
C PRO F 311 35.46 -1.79 3.02
N THR F 312 36.19 -2.78 2.51
CA THR F 312 37.47 -3.15 3.08
C THR F 312 38.55 -2.09 2.87
N PHE F 313 38.37 -1.18 1.94
CA PHE F 313 39.37 -0.16 1.66
C PHE F 313 39.10 1.17 2.36
N HIS F 314 38.14 1.22 3.28
CA HIS F 314 37.89 2.41 4.08
C HIS F 314 38.68 2.30 5.38
N LYS F 315 39.70 3.14 5.54
CA LYS F 315 40.55 3.09 6.72
C LYS F 315 40.09 4.10 7.77
#